data_3HZE
#
_entry.id   3HZE
#
_cell.length_a   82.432
_cell.length_b   86.075
_cell.length_c   123.060
_cell.angle_alpha   90.000
_cell.angle_beta   90.000
_cell.angle_gamma   90.000
#
_symmetry.space_group_name_H-M   'P 21 21 21'
#
loop_
_entity.id
_entity.type
_entity.pdbx_description
1 polymer 'Ycf54 protein'
2 non-polymer 'PHOSPHATE ION'
3 water water
#
_entity_poly.entity_id   1
_entity_poly.type   'polypeptide(L)'
_entity_poly.pdbx_seq_one_letter_code
;(MSE)ATYYYILASKKFLTEEEPLEEVFRERQRHYREQGKEIDFWLVPEPAFLEQPQFAEQKARCPQPAAAIISTNQQFI
QWLKLRLEYVL(MSE)GQFTSEEVPNPLASLASVLEHHHHHH
;
_entity_poly.pdbx_strand_id   A,B,C,D,E,F
#
loop_
_chem_comp.id
_chem_comp.type
_chem_comp.name
_chem_comp.formula
PO4 non-polymer 'PHOSPHATE ION' 'O4 P -3'
#
# COMPACT_ATOMS: atom_id res chain seq x y z
N ALA A 2 -0.42 10.05 -37.63
CA ALA A 2 -1.32 9.38 -36.67
C ALA A 2 -1.13 9.95 -35.28
N THR A 3 -1.99 9.56 -34.35
CA THR A 3 -1.89 10.01 -32.98
C THR A 3 -1.46 8.85 -32.10
N TYR A 4 -0.44 9.07 -31.29
CA TYR A 4 0.07 8.04 -30.40
C TYR A 4 -0.20 8.40 -28.95
N TYR A 5 -0.81 7.48 -28.20
CA TYR A 5 -1.10 7.72 -26.80
C TYR A 5 -0.09 6.89 -26.00
N TYR A 6 0.26 7.34 -24.81
CA TYR A 6 1.26 6.60 -24.05
C TYR A 6 1.22 6.80 -22.56
N ILE A 7 1.76 5.82 -21.83
CA ILE A 7 1.90 5.96 -20.40
C ILE A 7 3.42 5.94 -20.24
N LEU A 8 3.94 6.69 -19.29
CA LEU A 8 5.37 6.74 -19.06
C LEU A 8 5.67 6.45 -17.59
N ALA A 9 6.66 5.60 -17.33
CA ALA A 9 7.02 5.29 -15.95
C ALA A 9 8.46 4.80 -15.87
N SER A 10 9.01 4.79 -14.66
CA SER A 10 10.38 4.34 -14.47
C SER A 10 10.41 2.84 -14.71
N LYS A 11 11.54 2.32 -15.16
CA LYS A 11 11.67 0.90 -15.40
C LYS A 11 11.58 0.20 -14.06
N LYS A 12 11.99 0.90 -13.02
CA LYS A 12 11.95 0.36 -11.66
C LYS A 12 10.49 0.02 -11.29
N PHE A 13 9.60 0.98 -11.50
CA PHE A 13 8.18 0.76 -11.20
C PHE A 13 7.59 -0.35 -12.06
N LEU A 14 7.97 -0.37 -13.33
CA LEU A 14 7.47 -1.37 -14.29
C LEU A 14 8.12 -2.75 -14.16
N THR A 15 8.99 -2.93 -13.18
CA THR A 15 9.64 -4.23 -12.98
C THR A 15 9.48 -4.71 -11.53
N GLU A 16 9.44 -3.79 -10.57
CA GLU A 16 9.30 -4.17 -9.17
C GLU A 16 7.91 -4.02 -8.58
N GLU A 17 7.01 -3.38 -9.32
CA GLU A 17 5.65 -3.18 -8.83
C GLU A 17 4.55 -3.58 -9.81
N GLU A 18 4.68 -3.16 -11.05
CA GLU A 18 3.66 -3.46 -12.05
C GLU A 18 4.22 -3.99 -13.38
N PRO A 19 4.76 -5.22 -13.38
CA PRO A 19 5.31 -5.79 -14.62
C PRO A 19 4.17 -5.95 -15.63
N LEU A 20 4.41 -5.56 -16.88
CA LEU A 20 3.37 -5.63 -17.92
C LEU A 20 3.55 -6.78 -18.92
N GLU A 21 4.54 -7.61 -18.65
CA GLU A 21 4.89 -8.76 -19.47
C GLU A 21 3.68 -9.57 -19.94
N GLU A 22 2.91 -10.06 -18.98
CA GLU A 22 1.74 -10.87 -19.27
C GLU A 22 0.61 -10.06 -19.90
N VAL A 23 0.49 -8.79 -19.52
CA VAL A 23 -0.54 -7.95 -20.12
C VAL A 23 -0.24 -7.90 -21.63
N PHE A 24 1.03 -7.70 -21.97
CA PHE A 24 1.41 -7.65 -23.39
C PHE A 24 1.15 -8.98 -24.10
N ARG A 25 1.65 -10.08 -23.54
CA ARG A 25 1.50 -11.39 -24.17
C ARG A 25 0.03 -11.84 -24.31
N GLU A 26 -0.80 -11.57 -23.31
CA GLU A 26 -2.20 -11.96 -23.41
C GLU A 26 -2.86 -11.11 -24.50
N ARG A 27 -2.53 -9.83 -24.55
CA ARG A 27 -3.12 -8.96 -25.57
C ARG A 27 -2.65 -9.33 -26.97
N GLN A 28 -1.37 -9.69 -27.09
CA GLN A 28 -0.82 -10.09 -28.38
C GLN A 28 -1.50 -11.37 -28.85
N ARG A 29 -1.69 -12.32 -27.93
CA ARG A 29 -2.36 -13.57 -28.27
C ARG A 29 -3.79 -13.31 -28.71
N HIS A 30 -4.45 -12.37 -28.02
CA HIS A 30 -5.83 -12.02 -28.36
C HIS A 30 -5.91 -11.39 -29.76
N TYR A 31 -4.97 -10.52 -30.09
CA TYR A 31 -4.94 -9.87 -31.41
C TYR A 31 -4.68 -10.90 -32.49
N ARG A 32 -3.79 -11.84 -32.22
CA ARG A 32 -3.47 -12.88 -33.18
C ARG A 32 -4.71 -13.72 -33.48
N GLU A 33 -5.44 -14.09 -32.43
CA GLU A 33 -6.64 -14.92 -32.64
C GLU A 33 -7.72 -14.15 -33.40
N GLN A 34 -7.70 -12.83 -33.30
CA GLN A 34 -8.69 -12.02 -34.00
C GLN A 34 -8.18 -11.53 -35.36
N GLY A 35 -6.93 -11.84 -35.66
CA GLY A 35 -6.35 -11.41 -36.92
C GLY A 35 -6.19 -9.90 -36.95
N LYS A 36 -6.04 -9.31 -35.77
CA LYS A 36 -5.88 -7.86 -35.66
C LYS A 36 -4.40 -7.48 -35.59
N GLU A 37 -4.05 -6.36 -36.23
CA GLU A 37 -2.67 -5.88 -36.25
C GLU A 37 -2.28 -5.28 -34.89
N ILE A 38 -1.14 -5.69 -34.36
CA ILE A 38 -0.67 -5.17 -33.07
C ILE A 38 -0.52 -3.65 -33.17
N ASP A 39 -1.15 -2.93 -32.24
CA ASP A 39 -1.06 -1.47 -32.23
C ASP A 39 -0.64 -0.92 -30.87
N PHE A 40 0.07 -1.73 -30.11
CA PHE A 40 0.57 -1.32 -28.79
C PHE A 40 1.99 -1.85 -28.72
N TRP A 41 2.89 -1.07 -28.12
CA TRP A 41 4.30 -1.42 -28.06
C TRP A 41 5.04 -0.95 -26.83
N LEU A 42 6.02 -1.76 -26.40
CA LEU A 42 6.89 -1.45 -25.26
C LEU A 42 8.07 -0.65 -25.83
N VAL A 43 8.32 0.52 -25.28
CA VAL A 43 9.43 1.34 -25.76
C VAL A 43 10.29 1.82 -24.60
N PRO A 44 11.37 1.07 -24.29
CA PRO A 44 12.25 1.49 -23.19
C PRO A 44 13.04 2.71 -23.60
N GLU A 45 13.37 3.56 -22.63
CA GLU A 45 14.14 4.78 -22.89
C GLU A 45 13.69 5.41 -24.21
N PRO A 46 12.40 5.80 -24.28
CA PRO A 46 11.78 6.43 -25.45
C PRO A 46 12.47 7.70 -25.93
N ALA A 47 12.76 7.75 -27.23
CA ALA A 47 13.43 8.90 -27.82
C ALA A 47 12.60 10.17 -27.72
N PHE A 48 11.28 10.05 -27.87
CA PHE A 48 10.43 11.23 -27.83
C PHE A 48 10.55 12.03 -26.54
N LEU A 49 10.80 11.34 -25.43
CA LEU A 49 10.92 11.99 -24.14
C LEU A 49 12.03 13.04 -24.06
N GLU A 50 12.95 13.01 -25.03
CA GLU A 50 14.05 13.97 -25.05
C GLU A 50 13.72 15.26 -25.80
N GLN A 51 12.60 15.26 -26.51
CA GLN A 51 12.18 16.44 -27.26
C GLN A 51 11.68 17.52 -26.30
N PRO A 52 11.82 18.79 -26.69
CA PRO A 52 11.39 19.92 -25.88
C PRO A 52 9.97 19.88 -25.33
N GLN A 53 9.01 19.49 -26.17
CA GLN A 53 7.61 19.44 -25.74
C GLN A 53 7.33 18.46 -24.60
N PHE A 54 8.31 17.64 -24.24
CA PHE A 54 8.12 16.66 -23.17
C PHE A 54 9.02 16.94 -21.98
N ALA A 55 9.60 18.13 -21.94
CA ALA A 55 10.50 18.54 -20.86
C ALA A 55 9.96 18.35 -19.45
N GLU A 56 8.68 18.64 -19.25
CA GLU A 56 8.08 18.53 -17.93
C GLU A 56 7.98 17.08 -17.47
N GLN A 57 7.51 16.20 -18.35
CA GLN A 57 7.37 14.80 -18.01
C GLN A 57 8.73 14.13 -17.82
N LYS A 58 9.72 14.57 -18.58
CA LYS A 58 11.06 14.01 -18.44
C LYS A 58 11.61 14.34 -17.08
N ALA A 59 11.29 15.54 -16.59
CA ALA A 59 11.76 15.97 -15.28
C ALA A 59 11.09 15.19 -14.16
N ARG A 60 9.78 14.94 -14.32
CA ARG A 60 9.01 14.22 -13.32
C ARG A 60 9.24 12.72 -13.25
N CYS A 61 9.46 12.09 -14.40
CA CYS A 61 9.64 10.64 -14.42
C CYS A 61 11.06 10.20 -14.08
N PRO A 62 11.22 9.34 -13.06
CA PRO A 62 12.53 8.84 -12.66
C PRO A 62 13.15 8.02 -13.80
N GLN A 63 14.46 8.16 -13.98
CA GLN A 63 15.17 7.44 -15.04
C GLN A 63 16.01 6.29 -14.51
N PRO A 64 16.25 5.27 -15.35
CA PRO A 64 15.77 5.14 -16.72
C PRO A 64 14.27 4.87 -16.76
N ALA A 65 13.62 5.31 -17.82
CA ALA A 65 12.17 5.12 -17.94
C ALA A 65 11.80 4.32 -19.16
N ALA A 66 10.51 4.01 -19.27
CA ALA A 66 10.01 3.26 -20.40
C ALA A 66 8.59 3.73 -20.68
N ALA A 67 8.19 3.66 -21.94
CA ALA A 67 6.86 4.07 -22.30
C ALA A 67 6.12 2.91 -22.95
N ILE A 68 4.81 2.90 -22.80
CA ILE A 68 3.99 1.91 -23.48
C ILE A 68 3.21 2.83 -24.41
N ILE A 69 3.39 2.64 -25.72
CA ILE A 69 2.74 3.49 -26.70
C ILE A 69 1.73 2.70 -27.52
N SER A 70 0.61 3.35 -27.86
CA SER A 70 -0.43 2.70 -28.64
C SER A 70 -1.31 3.69 -29.38
N THR A 71 -1.84 3.27 -30.53
CA THR A 71 -2.72 4.16 -31.27
C THR A 71 -4.15 3.97 -30.77
N ASN A 72 -4.33 3.06 -29.81
CA ASN A 72 -5.63 2.80 -29.20
C ASN A 72 -5.64 3.55 -27.87
N GLN A 73 -6.34 4.68 -27.83
CA GLN A 73 -6.38 5.49 -26.62
C GLN A 73 -6.98 4.80 -25.40
N GLN A 74 -8.02 3.98 -25.60
CA GLN A 74 -8.64 3.30 -24.46
C GLN A 74 -7.70 2.34 -23.75
N PHE A 75 -6.82 1.69 -24.51
CA PHE A 75 -5.88 0.76 -23.92
C PHE A 75 -4.96 1.52 -22.97
N ILE A 76 -4.54 2.71 -23.40
CA ILE A 76 -3.65 3.54 -22.60
C ILE A 76 -4.39 4.04 -21.37
N GLN A 77 -5.65 4.44 -21.55
CA GLN A 77 -6.44 4.91 -20.42
C GLN A 77 -6.64 3.77 -19.43
N TRP A 78 -6.78 2.56 -19.96
CA TRP A 78 -6.94 1.39 -19.11
C TRP A 78 -5.68 1.17 -18.27
N LEU A 79 -4.51 1.28 -18.92
CA LEU A 79 -3.25 1.11 -18.21
C LEU A 79 -3.11 2.13 -17.07
N LYS A 80 -3.50 3.37 -17.34
CA LYS A 80 -3.41 4.42 -16.32
C LYS A 80 -4.33 4.06 -15.14
N LEU A 81 -5.53 3.57 -15.43
CA LEU A 81 -6.47 3.17 -14.39
C LEU A 81 -5.88 2.05 -13.55
N ARG A 82 -5.29 1.06 -14.22
CA ARG A 82 -4.69 -0.08 -13.55
C ARG A 82 -3.42 0.23 -12.75
N LEU A 83 -2.48 0.96 -13.38
CA LEU A 83 -1.19 1.26 -12.73
C LEU A 83 -1.16 2.47 -11.81
N GLU A 84 -1.94 3.50 -12.17
CA GLU A 84 -2.05 4.74 -11.40
C GLU A 84 -0.81 5.63 -11.33
N TYR A 85 0.28 5.10 -10.78
CA TYR A 85 1.51 5.89 -10.63
C TYR A 85 2.37 5.98 -11.88
N VAL A 86 1.79 6.52 -12.94
CA VAL A 86 2.47 6.69 -14.21
C VAL A 86 2.02 8.00 -14.83
N LEU A 87 2.76 8.48 -15.81
CA LEU A 87 2.39 9.70 -16.50
C LEU A 87 1.71 9.24 -17.78
N MSE A 88 0.83 10.06 -18.32
CA MSE A 88 0.12 9.70 -19.54
C MSE A 88 0.16 10.90 -20.48
O MSE A 88 0.27 12.05 -20.04
CB MSE A 88 -1.32 9.30 -19.24
CG MSE A 88 -2.13 8.91 -20.47
SE MSE A 88 -3.94 8.29 -20.08
CE MSE A 88 -4.66 9.96 -19.39
N GLY A 89 0.08 10.63 -21.78
CA GLY A 89 0.09 11.73 -22.74
C GLY A 89 -0.14 11.24 -24.15
N GLN A 90 0.09 12.12 -25.12
CA GLN A 90 -0.09 11.77 -26.52
C GLN A 90 0.71 12.70 -27.44
N PHE A 91 0.94 12.25 -28.66
CA PHE A 91 1.67 13.07 -29.62
C PHE A 91 1.34 12.60 -31.02
N THR A 92 1.59 13.46 -32.01
CA THR A 92 1.31 13.10 -33.40
C THR A 92 2.57 12.75 -34.17
N SER A 93 2.37 12.16 -35.34
CA SER A 93 3.48 11.79 -36.22
C SER A 93 4.24 13.02 -36.67
N GLU A 94 3.55 14.16 -36.76
CA GLU A 94 4.21 15.38 -37.18
C GLU A 94 5.04 15.98 -36.06
N GLU A 95 4.77 15.56 -34.82
CA GLU A 95 5.52 16.07 -33.66
C GLU A 95 6.75 15.21 -33.34
N VAL A 96 6.67 13.92 -33.68
CA VAL A 96 7.77 12.99 -33.42
C VAL A 96 8.00 12.14 -34.67
N PRO A 97 9.14 12.32 -35.34
CA PRO A 97 9.50 11.60 -36.58
C PRO A 97 9.49 10.06 -36.51
N ASN A 98 10.06 9.51 -35.44
CA ASN A 98 10.10 8.07 -35.24
C ASN A 98 9.44 7.83 -33.89
N PRO A 99 8.09 7.75 -33.86
CA PRO A 99 7.29 7.54 -32.66
C PRO A 99 7.75 6.45 -31.70
N LEU A 100 8.15 5.30 -32.24
CA LEU A 100 8.58 4.17 -31.40
C LEU A 100 10.07 4.04 -31.17
N ALA A 101 10.85 5.04 -31.57
CA ALA A 101 12.29 4.98 -31.39
C ALA A 101 12.66 4.80 -29.92
N SER A 102 13.59 3.89 -29.67
CA SER A 102 14.09 3.59 -28.32
C SER A 102 15.58 3.91 -28.29
N LEU A 103 16.04 4.51 -27.20
CA LEU A 103 17.47 4.84 -27.08
C LEU A 103 18.20 3.80 -26.23
N ALA A 104 17.56 2.65 -26.02
CA ALA A 104 18.16 1.58 -25.24
C ALA A 104 19.43 1.11 -25.93
N SER A 105 20.44 0.74 -25.14
CA SER A 105 21.72 0.32 -25.68
C SER A 105 22.10 -1.13 -25.32
N VAL A 106 21.28 -1.80 -24.54
CA VAL A 106 21.58 -3.17 -24.18
C VAL A 106 20.33 -4.06 -24.31
N LEU A 107 20.54 -5.31 -24.68
CA LEU A 107 19.43 -6.24 -24.87
C LEU A 107 19.12 -7.05 -23.61
N GLU A 108 17.82 -7.26 -23.37
CA GLU A 108 17.35 -8.03 -22.24
C GLU A 108 17.72 -9.50 -22.47
N ALA B 2 -26.28 -14.80 -1.17
CA ALA B 2 -24.99 -14.18 -1.61
C ALA B 2 -25.04 -12.67 -1.46
N THR B 3 -23.87 -12.04 -1.36
CA THR B 3 -23.80 -10.59 -1.23
C THR B 3 -23.27 -9.98 -2.52
N TYR B 4 -23.95 -8.93 -2.98
CA TYR B 4 -23.57 -8.25 -4.20
C TYR B 4 -23.07 -6.84 -3.94
N TYR B 5 -21.88 -6.54 -4.45
CA TYR B 5 -21.29 -5.21 -4.28
C TYR B 5 -21.43 -4.47 -5.60
N TYR B 6 -21.54 -3.14 -5.55
CA TYR B 6 -21.71 -2.40 -6.78
C TYR B 6 -21.27 -0.94 -6.71
N ILE B 7 -21.04 -0.34 -7.88
CA ILE B 7 -20.75 1.08 -7.93
C ILE B 7 -21.90 1.53 -8.82
N LEU B 8 -22.36 2.75 -8.63
CA LEU B 8 -23.47 3.28 -9.40
C LEU B 8 -23.11 4.67 -9.91
N ALA B 9 -23.46 4.94 -11.16
CA ALA B 9 -23.17 6.24 -11.74
C ALA B 9 -24.06 6.42 -12.96
N SER B 10 -24.11 7.66 -13.47
CA SER B 10 -24.92 7.93 -14.65
C SER B 10 -24.30 7.19 -15.82
N LYS B 11 -25.12 6.80 -16.79
CA LYS B 11 -24.62 6.11 -17.96
C LYS B 11 -23.62 7.03 -18.65
N LYS B 12 -23.92 8.32 -18.62
CA LYS B 12 -23.08 9.33 -19.24
C LYS B 12 -21.64 9.29 -18.72
N PHE B 13 -21.47 9.33 -17.41
CA PHE B 13 -20.14 9.31 -16.83
C PHE B 13 -19.36 8.05 -17.19
N LEU B 14 -20.02 6.89 -17.11
CA LEU B 14 -19.37 5.63 -17.41
C LEU B 14 -19.04 5.42 -18.87
N THR B 15 -19.74 6.12 -19.76
CA THR B 15 -19.48 5.97 -21.19
C THR B 15 -18.51 6.99 -21.77
N GLU B 16 -18.51 8.20 -21.23
CA GLU B 16 -17.62 9.25 -21.75
C GLU B 16 -16.34 9.53 -20.97
N GLU B 17 -16.32 9.22 -19.69
CA GLU B 17 -15.16 9.51 -18.86
C GLU B 17 -14.28 8.32 -18.47
N GLU B 18 -14.70 7.10 -18.81
CA GLU B 18 -13.91 5.93 -18.44
C GLU B 18 -13.84 4.88 -19.53
N PRO B 19 -12.68 4.21 -19.68
CA PRO B 19 -12.48 3.15 -20.69
C PRO B 19 -13.13 1.91 -20.10
N LEU B 20 -14.40 2.05 -19.78
CA LEU B 20 -15.21 1.02 -19.17
C LEU B 20 -15.20 -0.27 -19.99
N GLU B 21 -15.29 -0.13 -21.30
CA GLU B 21 -15.29 -1.29 -22.19
C GLU B 21 -14.00 -2.10 -22.04
N GLU B 22 -12.87 -1.41 -22.03
CA GLU B 22 -11.59 -2.08 -21.90
C GLU B 22 -11.49 -2.78 -20.56
N VAL B 23 -12.01 -2.16 -19.51
CA VAL B 23 -11.98 -2.77 -18.20
C VAL B 23 -12.70 -4.12 -18.24
N PHE B 24 -13.90 -4.14 -18.80
CA PHE B 24 -14.66 -5.38 -18.89
C PHE B 24 -14.04 -6.43 -19.82
N ARG B 25 -13.66 -6.02 -21.01
CA ARG B 25 -13.11 -6.97 -21.97
C ARG B 25 -11.81 -7.60 -21.50
N GLU B 26 -10.92 -6.80 -20.93
CA GLU B 26 -9.65 -7.35 -20.47
C GLU B 26 -9.89 -8.30 -19.31
N ARG B 27 -10.79 -7.92 -18.42
CA ARG B 27 -11.09 -8.75 -17.25
C ARG B 27 -11.75 -10.07 -17.67
N GLN B 28 -12.67 -10.01 -18.63
CA GLN B 28 -13.31 -11.24 -19.08
C GLN B 28 -12.26 -12.14 -19.73
N ARG B 29 -11.35 -11.57 -20.52
CA ARG B 29 -10.28 -12.35 -21.16
C ARG B 29 -9.35 -12.95 -20.11
N HIS B 30 -8.94 -12.14 -19.14
CA HIS B 30 -8.04 -12.63 -18.11
C HIS B 30 -8.71 -13.74 -17.32
N TYR B 31 -9.99 -13.58 -17.00
CA TYR B 31 -10.71 -14.60 -16.26
C TYR B 31 -10.74 -15.91 -17.04
N ARG B 32 -10.96 -15.83 -18.35
CA ARG B 32 -10.98 -17.03 -19.18
C ARG B 32 -9.55 -17.59 -19.29
N GLU B 33 -8.57 -16.72 -19.13
CA GLU B 33 -7.16 -17.10 -19.18
C GLU B 33 -6.78 -17.95 -17.95
N GLN B 34 -7.51 -17.74 -16.85
CA GLN B 34 -7.28 -18.48 -15.61
C GLN B 34 -8.32 -19.58 -15.43
N GLY B 35 -9.37 -19.55 -16.25
CA GLY B 35 -10.41 -20.54 -16.12
C GLY B 35 -11.35 -20.23 -14.96
N LYS B 36 -11.44 -18.95 -14.59
CA LYS B 36 -12.31 -18.52 -13.50
C LYS B 36 -13.64 -17.99 -14.02
N GLU B 37 -14.73 -18.33 -13.35
CA GLU B 37 -16.06 -17.89 -13.78
C GLU B 37 -16.19 -16.38 -13.61
N ILE B 38 -16.82 -15.73 -14.58
CA ILE B 38 -17.02 -14.29 -14.53
C ILE B 38 -17.98 -13.97 -13.39
N ASP B 39 -17.57 -13.04 -12.52
CA ASP B 39 -18.41 -12.67 -11.37
C ASP B 39 -18.63 -11.16 -11.26
N PHE B 40 -18.57 -10.47 -12.40
CA PHE B 40 -18.78 -9.04 -12.45
C PHE B 40 -19.62 -8.78 -13.67
N TRP B 41 -20.59 -7.87 -13.53
CA TRP B 41 -21.51 -7.61 -14.64
C TRP B 41 -21.93 -6.16 -14.77
N LEU B 42 -22.21 -5.75 -16.00
CA LEU B 42 -22.66 -4.40 -16.28
C LEU B 42 -24.18 -4.47 -16.22
N VAL B 43 -24.80 -3.55 -15.49
CA VAL B 43 -26.25 -3.58 -15.37
C VAL B 43 -26.86 -2.20 -15.58
N PRO B 44 -27.22 -1.85 -16.81
CA PRO B 44 -27.81 -0.53 -17.02
C PRO B 44 -29.21 -0.48 -16.42
N GLU B 45 -29.60 0.70 -15.94
CA GLU B 45 -30.93 0.88 -15.35
C GLU B 45 -31.25 -0.27 -14.42
N PRO B 46 -30.39 -0.49 -13.41
CA PRO B 46 -30.58 -1.58 -12.45
C PRO B 46 -31.92 -1.51 -11.75
N ALA B 47 -32.61 -2.64 -11.67
CA ALA B 47 -33.91 -2.70 -11.02
C ALA B 47 -33.83 -2.49 -9.51
N PHE B 48 -32.74 -2.93 -8.90
CA PHE B 48 -32.62 -2.80 -7.45
C PHE B 48 -32.71 -1.34 -6.99
N LEU B 49 -32.20 -0.43 -7.81
CA LEU B 49 -32.21 1.00 -7.48
C LEU B 49 -33.61 1.55 -7.26
N GLU B 50 -34.63 0.83 -7.73
CA GLU B 50 -36.01 1.29 -7.59
C GLU B 50 -36.63 0.94 -6.23
N GLN B 51 -36.01 0.02 -5.51
CA GLN B 51 -36.53 -0.38 -4.20
C GLN B 51 -36.33 0.70 -3.15
N PRO B 52 -37.27 0.81 -2.21
CA PRO B 52 -37.26 1.79 -1.12
C PRO B 52 -35.92 1.97 -0.42
N GLN B 53 -35.29 0.87 -0.06
CA GLN B 53 -34.01 0.92 0.64
C GLN B 53 -32.88 1.66 -0.09
N PHE B 54 -32.97 1.78 -1.41
CA PHE B 54 -31.93 2.45 -2.17
C PHE B 54 -32.31 3.87 -2.55
N ALA B 55 -33.35 4.39 -1.89
CA ALA B 55 -33.87 5.73 -2.14
C ALA B 55 -32.81 6.84 -2.21
N GLU B 56 -31.90 6.86 -1.24
CA GLU B 56 -30.85 7.88 -1.18
C GLU B 56 -29.99 7.91 -2.44
N GLN B 57 -29.46 6.75 -2.83
CA GLN B 57 -28.63 6.69 -4.01
C GLN B 57 -29.41 6.97 -5.28
N LYS B 58 -30.68 6.58 -5.30
CA LYS B 58 -31.53 6.81 -6.47
C LYS B 58 -31.66 8.32 -6.67
N ALA B 59 -31.86 9.04 -5.56
CA ALA B 59 -32.00 10.49 -5.61
C ALA B 59 -30.68 11.19 -5.94
N ARG B 60 -29.56 10.54 -5.59
CA ARG B 60 -28.26 11.14 -5.83
C ARG B 60 -27.71 10.93 -7.24
N CYS B 61 -27.85 9.71 -7.74
CA CYS B 61 -27.33 9.36 -9.07
C CYS B 61 -28.13 9.90 -10.25
N PRO B 62 -27.46 10.66 -11.14
CA PRO B 62 -28.14 11.23 -12.31
C PRO B 62 -28.67 10.10 -13.21
N GLN B 63 -29.80 10.34 -13.85
CA GLN B 63 -30.38 9.33 -14.72
C GLN B 63 -30.26 9.70 -16.20
N PRO B 64 -30.22 8.70 -17.10
CA PRO B 64 -30.28 7.27 -16.78
C PRO B 64 -29.00 6.80 -16.07
N ALA B 65 -29.15 5.83 -15.19
CA ALA B 65 -28.00 5.32 -14.44
C ALA B 65 -27.60 3.92 -14.86
N ALA B 66 -26.45 3.48 -14.35
CA ALA B 66 -25.95 2.15 -14.65
C ALA B 66 -25.14 1.69 -13.45
N ALA B 67 -25.12 0.38 -13.24
CA ALA B 67 -24.34 -0.16 -12.14
C ALA B 67 -23.40 -1.23 -12.66
N ILE B 68 -22.31 -1.41 -11.93
CA ILE B 68 -21.34 -2.46 -12.21
C ILE B 68 -21.49 -3.27 -10.93
N ILE B 69 -21.91 -4.51 -11.06
CA ILE B 69 -22.14 -5.35 -9.89
C ILE B 69 -21.21 -6.54 -9.90
N SER B 70 -20.75 -6.95 -8.72
CA SER B 70 -19.84 -8.08 -8.62
C SER B 70 -19.94 -8.69 -7.24
N THR B 71 -19.72 -10.00 -7.16
CA THR B 71 -19.73 -10.64 -5.86
C THR B 71 -18.32 -10.53 -5.28
N ASN B 72 -17.40 -9.99 -6.09
CA ASN B 72 -16.01 -9.79 -5.67
C ASN B 72 -15.85 -8.33 -5.27
N GLN B 73 -15.90 -8.09 -3.95
CA GLN B 73 -15.82 -6.75 -3.38
C GLN B 73 -14.57 -5.95 -3.75
N GLN B 74 -13.41 -6.62 -3.83
CA GLN B 74 -12.20 -5.88 -4.15
C GLN B 74 -12.27 -5.16 -5.50
N PHE B 75 -12.88 -5.79 -6.50
CA PHE B 75 -13.02 -5.18 -7.82
C PHE B 75 -13.87 -3.90 -7.71
N ILE B 76 -14.95 -3.97 -6.95
CA ILE B 76 -15.82 -2.82 -6.78
C ILE B 76 -15.11 -1.71 -5.98
N GLN B 77 -14.40 -2.09 -4.93
CA GLN B 77 -13.68 -1.11 -4.14
C GLN B 77 -12.62 -0.42 -5.00
N TRP B 78 -12.07 -1.15 -5.97
CA TRP B 78 -11.06 -0.60 -6.87
C TRP B 78 -11.68 0.44 -7.79
N LEU B 79 -12.83 0.11 -8.38
CA LEU B 79 -13.53 1.04 -9.25
C LEU B 79 -13.87 2.31 -8.47
N LYS B 80 -14.30 2.15 -7.22
CA LYS B 80 -14.65 3.30 -6.40
C LYS B 80 -13.44 4.23 -6.19
N LEU B 81 -12.33 3.66 -5.75
CA LEU B 81 -11.13 4.45 -5.51
C LEU B 81 -10.56 5.14 -6.75
N ARG B 82 -10.55 4.42 -7.87
CA ARG B 82 -10.00 4.98 -9.10
C ARG B 82 -10.94 5.90 -9.87
N LEU B 83 -12.23 5.58 -9.91
CA LEU B 83 -13.19 6.43 -10.63
C LEU B 83 -13.64 7.60 -9.77
N GLU B 84 -13.70 7.36 -8.47
CA GLU B 84 -14.06 8.39 -7.50
C GLU B 84 -15.48 8.96 -7.53
N TYR B 85 -15.88 9.51 -8.68
CA TYR B 85 -17.18 10.13 -8.81
C TYR B 85 -18.32 9.15 -9.05
N VAL B 86 -18.39 8.12 -8.21
CA VAL B 86 -19.43 7.11 -8.31
C VAL B 86 -19.92 6.75 -6.92
N LEU B 87 -21.08 6.13 -6.83
CA LEU B 87 -21.61 5.71 -5.55
C LEU B 87 -21.27 4.23 -5.40
N MSE B 88 -21.07 3.79 -4.17
CA MSE B 88 -20.77 2.38 -3.94
C MSE B 88 -21.71 1.84 -2.89
O MSE B 88 -22.11 2.57 -1.98
CB MSE B 88 -19.32 2.19 -3.50
CG MSE B 88 -18.94 0.74 -3.23
SE MSE B 88 -17.06 0.56 -2.76
CE MSE B 88 -17.17 0.95 -0.86
N GLY B 89 -22.05 0.56 -2.99
CA GLY B 89 -22.92 -0.05 -2.02
C GLY B 89 -22.95 -1.56 -2.16
N GLN B 90 -23.86 -2.20 -1.43
CA GLN B 90 -23.99 -3.64 -1.48
C GLN B 90 -25.38 -4.06 -1.05
N PHE B 91 -25.74 -5.30 -1.35
CA PHE B 91 -27.04 -5.84 -0.94
C PHE B 91 -26.95 -7.34 -1.03
N THR B 92 -27.93 -8.02 -0.45
CA THR B 92 -27.95 -9.47 -0.45
C THR B 92 -29.09 -10.00 -1.30
N SER B 93 -28.97 -11.28 -1.67
CA SER B 93 -30.00 -11.91 -2.46
C SER B 93 -31.33 -11.92 -1.71
N GLU B 94 -31.28 -11.91 -0.38
CA GLU B 94 -32.51 -11.91 0.39
C GLU B 94 -33.16 -10.53 0.37
N GLU B 95 -32.38 -9.52 -0.03
CA GLU B 95 -32.90 -8.16 -0.08
C GLU B 95 -33.42 -7.79 -1.46
N VAL B 96 -32.79 -8.36 -2.48
CA VAL B 96 -33.14 -8.08 -3.88
C VAL B 96 -33.40 -9.40 -4.60
N PRO B 97 -34.66 -9.66 -4.98
CA PRO B 97 -35.08 -10.89 -5.69
C PRO B 97 -34.21 -11.31 -6.88
N ASN B 98 -33.98 -10.38 -7.80
CA ASN B 98 -33.17 -10.66 -8.99
C ASN B 98 -32.07 -9.61 -9.05
N PRO B 99 -30.95 -9.86 -8.36
CA PRO B 99 -29.78 -8.98 -8.27
C PRO B 99 -29.32 -8.24 -9.53
N LEU B 100 -29.20 -8.97 -10.64
CA LEU B 100 -28.71 -8.40 -11.89
C LEU B 100 -29.77 -7.91 -12.88
N ALA B 101 -31.01 -7.84 -12.41
CA ALA B 101 -32.12 -7.39 -13.24
C ALA B 101 -31.91 -5.97 -13.77
N SER B 102 -32.13 -5.81 -15.07
CA SER B 102 -32.01 -4.51 -15.73
C SER B 102 -33.40 -4.12 -16.23
N LEU B 103 -33.76 -2.85 -16.12
CA LEU B 103 -35.07 -2.40 -16.60
C LEU B 103 -34.93 -1.72 -17.96
N ALA B 104 -33.75 -1.88 -18.57
CA ALA B 104 -33.49 -1.26 -19.87
C ALA B 104 -34.41 -1.86 -20.93
N SER B 105 -34.79 -1.03 -21.89
CA SER B 105 -35.68 -1.48 -22.97
C SER B 105 -34.96 -1.39 -24.32
N VAL B 106 -33.84 -0.69 -24.35
CA VAL B 106 -33.09 -0.54 -25.60
C VAL B 106 -31.81 -1.34 -25.64
N LEU B 107 -31.60 -2.00 -26.77
CA LEU B 107 -30.43 -2.86 -26.99
C LEU B 107 -29.29 -2.07 -27.64
N GLU B 108 -28.12 -2.07 -27.00
CA GLU B 108 -26.95 -1.37 -27.52
C GLU B 108 -26.57 -1.96 -28.88
N ALA C 2 29.48 -1.01 11.82
CA ALA C 2 28.03 -0.80 11.63
C ALA C 2 27.73 -0.37 10.20
N THR C 3 26.47 -0.49 9.80
CA THR C 3 26.06 -0.11 8.46
C THR C 3 25.22 1.16 8.56
N TYR C 4 25.58 2.16 7.75
CA TYR C 4 24.86 3.43 7.71
C TYR C 4 24.12 3.56 6.39
N TYR C 5 22.82 3.81 6.45
CA TYR C 5 21.99 3.97 5.26
C TYR C 5 21.84 5.46 5.07
N TYR C 6 21.66 5.92 3.84
CA TYR C 6 21.55 7.36 3.65
C TYR C 6 20.80 7.82 2.41
N ILE C 7 20.28 9.04 2.46
CA ILE C 7 19.68 9.62 1.27
C ILE C 7 20.58 10.85 1.07
N LEU C 8 20.78 11.24 -0.18
CA LEU C 8 21.65 12.36 -0.47
C LEU C 8 20.98 13.25 -1.51
N ALA C 9 21.12 14.55 -1.36
CA ALA C 9 20.54 15.49 -2.31
C ALA C 9 21.17 16.86 -2.10
N SER C 10 20.75 17.85 -2.89
CA SER C 10 21.29 19.18 -2.73
C SER C 10 20.74 19.76 -1.45
N LYS C 11 21.53 20.60 -0.79
CA LYS C 11 21.08 21.22 0.45
C LYS C 11 19.83 22.03 0.11
N LYS C 12 19.82 22.59 -1.09
CA LYS C 12 18.69 23.40 -1.55
C LYS C 12 17.40 22.58 -1.59
N PHE C 13 17.46 21.40 -2.20
CA PHE C 13 16.27 20.57 -2.30
C PHE C 13 15.72 20.15 -0.94
N LEU C 14 16.61 19.79 -0.03
CA LEU C 14 16.21 19.38 1.31
C LEU C 14 15.73 20.56 2.15
N THR C 15 16.35 21.71 1.96
CA THR C 15 15.97 22.90 2.71
C THR C 15 14.57 23.32 2.29
N GLU C 16 14.35 23.37 0.99
CA GLU C 16 13.07 23.75 0.44
C GLU C 16 12.23 22.48 0.23
N GLU C 17 11.13 22.63 -0.50
CA GLU C 17 10.27 21.49 -0.80
C GLU C 17 9.60 20.76 0.36
N GLU C 18 10.40 20.06 1.16
CA GLU C 18 9.87 19.26 2.26
C GLU C 18 9.90 19.83 3.67
N PRO C 19 8.94 19.42 4.52
CA PRO C 19 8.82 19.86 5.91
C PRO C 19 9.78 18.97 6.70
N LEU C 20 11.04 19.03 6.31
CA LEU C 20 12.10 18.25 6.91
C LEU C 20 12.18 18.45 8.41
N GLU C 21 12.03 19.68 8.86
CA GLU C 21 12.10 19.98 10.28
C GLU C 21 11.05 19.18 11.06
N GLU C 22 9.83 19.16 10.55
CA GLU C 22 8.74 18.44 11.20
C GLU C 22 9.06 16.93 11.21
N VAL C 23 9.59 16.43 10.10
CA VAL C 23 9.94 15.01 10.02
C VAL C 23 10.94 14.64 11.11
N PHE C 24 11.99 15.44 11.27
CA PHE C 24 12.99 15.15 12.29
C PHE C 24 12.49 15.30 13.72
N ARG C 25 11.87 16.43 14.02
CA ARG C 25 11.38 16.66 15.38
C ARG C 25 10.34 15.63 15.83
N GLU C 26 9.44 15.24 14.93
CA GLU C 26 8.41 14.26 15.28
C GLU C 26 9.03 12.90 15.57
N ARG C 27 10.00 12.49 14.74
CA ARG C 27 10.62 11.20 14.95
C ARG C 27 11.45 11.22 16.24
N GLN C 28 12.11 12.34 16.50
CA GLN C 28 12.90 12.48 17.71
C GLN C 28 12.00 12.40 18.95
N ARG C 29 10.86 13.09 18.92
CA ARG C 29 9.94 13.07 20.05
C ARG C 29 9.38 11.67 20.25
N HIS C 30 9.05 11.01 19.14
CA HIS C 30 8.51 9.67 19.20
C HIS C 30 9.55 8.72 19.82
N TYR C 31 10.80 8.85 19.41
CA TYR C 31 11.87 8.02 19.95
C TYR C 31 11.98 8.22 21.46
N ARG C 32 12.03 9.48 21.89
CA ARG C 32 12.14 9.80 23.30
C ARG C 32 11.00 9.21 24.12
N GLU C 33 9.81 9.13 23.53
CA GLU C 33 8.67 8.57 24.22
C GLU C 33 8.78 7.06 24.39
N GLN C 34 9.60 6.44 23.53
CA GLN C 34 9.78 5.00 23.58
C GLN C 34 11.06 4.61 24.30
N GLY C 35 11.85 5.61 24.68
CA GLY C 35 13.10 5.33 25.36
C GLY C 35 14.14 4.79 24.40
N LYS C 36 13.96 5.05 23.12
CA LYS C 36 14.90 4.57 22.09
C LYS C 36 15.90 5.67 21.74
N GLU C 37 17.18 5.29 21.65
CA GLU C 37 18.20 6.27 21.32
C GLU C 37 18.11 6.70 19.86
N ILE C 38 18.31 7.99 19.62
CA ILE C 38 18.24 8.53 18.27
C ILE C 38 19.28 7.82 17.41
N ASP C 39 18.85 7.35 16.24
CA ASP C 39 19.78 6.66 15.34
C ASP C 39 19.68 7.16 13.91
N PHE C 40 19.25 8.42 13.77
CA PHE C 40 19.13 9.07 12.47
C PHE C 40 19.66 10.48 12.67
N TRP C 41 20.40 10.99 11.69
CA TRP C 41 21.00 12.31 11.82
C TRP C 41 21.06 13.12 10.54
N LEU C 42 21.02 14.43 10.71
CA LEU C 42 21.11 15.37 9.61
C LEU C 42 22.60 15.65 9.43
N VAL C 43 23.12 15.48 8.23
CA VAL C 43 24.54 15.72 7.96
C VAL C 43 24.75 16.64 6.76
N PRO C 44 24.82 17.96 6.99
CA PRO C 44 25.03 18.87 5.86
C PRO C 44 26.44 18.72 5.31
N GLU C 45 26.60 18.87 4.00
CA GLU C 45 27.92 18.75 3.37
C GLU C 45 28.70 17.56 3.94
N PRO C 46 28.13 16.35 3.79
CA PRO C 46 28.75 15.11 4.28
C PRO C 46 30.15 14.90 3.75
N ALA C 47 31.06 14.53 4.66
CA ALA C 47 32.45 14.29 4.30
C ALA C 47 32.64 13.02 3.49
N PHE C 48 31.83 11.99 3.76
CA PHE C 48 32.01 10.75 3.02
C PHE C 48 31.87 10.93 1.52
N LEU C 49 31.03 11.89 1.11
CA LEU C 49 30.80 12.16 -0.31
C LEU C 49 32.09 12.57 -1.02
N GLU C 50 33.12 12.91 -0.24
CA GLU C 50 34.41 13.33 -0.78
C GLU C 50 35.41 12.21 -0.94
N GLN C 51 35.08 11.01 -0.45
CA GLN C 51 35.99 9.89 -0.58
C GLN C 51 35.87 9.33 -2.00
N PRO C 52 36.97 8.76 -2.53
CA PRO C 52 36.99 8.18 -3.88
C PRO C 52 35.86 7.20 -4.17
N GLN C 53 35.55 6.35 -3.19
CA GLN C 53 34.50 5.35 -3.33
C GLN C 53 33.11 5.94 -3.61
N PHE C 54 32.94 7.22 -3.33
CA PHE C 54 31.65 7.87 -3.54
C PHE C 54 31.66 8.90 -4.68
N ALA C 55 32.73 8.86 -5.49
CA ALA C 55 32.88 9.80 -6.60
C ALA C 55 31.70 9.82 -7.57
N GLU C 56 31.12 8.66 -7.85
CA GLU C 56 29.99 8.63 -8.77
C GLU C 56 28.75 9.26 -8.13
N GLN C 57 28.57 9.08 -6.83
CA GLN C 57 27.44 9.67 -6.12
C GLN C 57 27.62 11.19 -6.12
N LYS C 58 28.85 11.64 -5.87
CA LYS C 58 29.13 13.07 -5.84
C LYS C 58 28.86 13.74 -7.17
N ALA C 59 29.12 13.03 -8.26
CA ALA C 59 28.91 13.58 -9.59
C ALA C 59 27.42 13.77 -9.87
N ARG C 60 26.60 12.88 -9.33
CA ARG C 60 25.15 12.93 -9.54
C ARG C 60 24.40 13.81 -8.54
N CYS C 61 25.10 14.40 -7.58
CA CYS C 61 24.45 15.22 -6.58
C CYS C 61 24.90 16.68 -6.62
N PRO C 62 23.96 17.60 -6.84
CA PRO C 62 24.32 19.02 -6.90
C PRO C 62 24.85 19.52 -5.55
N GLN C 63 25.83 20.43 -5.61
CA GLN C 63 26.44 20.99 -4.41
C GLN C 63 25.97 22.42 -4.15
N PRO C 64 25.90 22.84 -2.88
CA PRO C 64 26.24 22.07 -1.68
C PRO C 64 25.25 20.95 -1.43
N ALA C 65 25.75 19.80 -0.97
CA ALA C 65 24.88 18.67 -0.70
C ALA C 65 24.59 18.52 0.79
N ALA C 66 23.69 17.59 1.09
CA ALA C 66 23.32 17.30 2.47
C ALA C 66 22.86 15.85 2.50
N ALA C 67 23.11 15.18 3.61
CA ALA C 67 22.68 13.78 3.72
C ALA C 67 21.90 13.57 4.99
N ILE C 68 21.05 12.56 4.96
CA ILE C 68 20.31 12.17 6.14
C ILE C 68 20.83 10.76 6.26
N ILE C 69 21.43 10.46 7.40
CA ILE C 69 22.05 9.16 7.61
C ILE C 69 21.41 8.47 8.81
N SER C 70 21.30 7.15 8.74
CA SER C 70 20.69 6.40 9.82
C SER C 70 21.12 4.94 9.79
N THR C 71 21.17 4.31 10.96
CA THR C 71 21.53 2.90 11.01
C THR C 71 20.25 2.07 10.88
N ASN C 72 19.12 2.77 10.75
CA ASN C 72 17.81 2.14 10.57
C ASN C 72 17.38 2.40 9.12
N GLN C 73 17.44 1.38 8.27
CA GLN C 73 17.09 1.58 6.87
C GLN C 73 15.61 1.96 6.64
N GLN C 74 14.74 1.67 7.61
CA GLN C 74 13.33 2.00 7.46
C GLN C 74 13.12 3.50 7.21
N PHE C 75 13.79 4.34 7.99
CA PHE C 75 13.66 5.78 7.85
C PHE C 75 14.16 6.26 6.50
N ILE C 76 15.30 5.71 6.06
CA ILE C 76 15.90 6.10 4.79
C ILE C 76 14.99 5.72 3.62
N GLN C 77 14.42 4.53 3.67
CA GLN C 77 13.53 4.06 2.61
C GLN C 77 12.29 4.96 2.52
N TRP C 78 11.72 5.29 3.67
CA TRP C 78 10.53 6.16 3.71
C TRP C 78 10.87 7.51 3.08
N LEU C 79 12.04 8.04 3.42
CA LEU C 79 12.47 9.32 2.86
C LEU C 79 12.65 9.24 1.36
N LYS C 80 13.28 8.17 0.89
CA LYS C 80 13.49 7.99 -0.54
C LYS C 80 12.15 7.94 -1.28
N LEU C 81 11.20 7.19 -0.73
CA LEU C 81 9.88 7.06 -1.36
C LEU C 81 9.12 8.39 -1.40
N ARG C 82 9.17 9.15 -0.31
CA ARG C 82 8.44 10.41 -0.26
C ARG C 82 9.12 11.57 -0.97
N LEU C 83 10.45 11.63 -0.91
CA LEU C 83 11.21 12.69 -1.56
C LEU C 83 11.48 12.37 -3.03
N GLU C 84 11.63 11.08 -3.32
CA GLU C 84 11.88 10.58 -4.68
C GLU C 84 13.17 11.01 -5.37
N TYR C 85 13.29 12.31 -5.66
CA TYR C 85 14.44 12.84 -6.38
C TYR C 85 15.67 13.04 -5.49
N VAL C 86 16.11 11.94 -4.88
CA VAL C 86 17.28 11.95 -4.02
C VAL C 86 18.01 10.63 -4.25
N LEU C 87 19.25 10.54 -3.81
CA LEU C 87 20.02 9.31 -4.00
C LEU C 87 19.96 8.52 -2.71
N MSE C 88 19.89 7.21 -2.82
CA MSE C 88 19.86 6.36 -1.63
C MSE C 88 21.02 5.38 -1.71
O MSE C 88 21.30 4.84 -2.78
CB MSE C 88 18.54 5.60 -1.52
CG MSE C 88 18.43 4.71 -0.30
SE MSE C 88 16.68 3.93 -0.08
CE MSE C 88 16.96 3.01 1.59
N GLY C 89 21.68 5.15 -0.59
CA GLY C 89 22.79 4.21 -0.58
C GLY C 89 23.13 3.78 0.83
N GLN C 90 24.28 3.14 0.99
CA GLN C 90 24.72 2.70 2.30
C GLN C 90 26.22 2.49 2.26
N PHE C 91 26.81 2.43 3.44
CA PHE C 91 28.25 2.20 3.57
C PHE C 91 28.49 1.68 4.98
N THR C 92 29.69 1.20 5.25
CA THR C 92 30.00 0.65 6.56
C THR C 92 31.06 1.44 7.32
N SER C 93 31.17 1.14 8.60
CA SER C 93 32.16 1.79 9.45
C SER C 93 33.56 1.57 8.90
N GLU C 94 33.82 0.40 8.32
CA GLU C 94 35.15 0.14 7.78
C GLU C 94 35.43 0.84 6.47
N GLU C 95 34.39 1.38 5.84
CA GLU C 95 34.57 2.09 4.57
C GLU C 95 34.70 3.60 4.81
N VAL C 96 34.07 4.09 5.87
CA VAL C 96 34.09 5.52 6.21
C VAL C 96 34.50 5.75 7.67
N PRO C 97 35.70 6.30 7.90
CA PRO C 97 36.26 6.59 9.22
C PRO C 97 35.30 7.29 10.21
N ASN C 98 34.78 8.43 9.80
CA ASN C 98 33.86 9.22 10.61
C ASN C 98 32.57 9.39 9.81
N PRO C 99 31.69 8.37 9.87
CA PRO C 99 30.43 8.39 9.15
C PRO C 99 29.56 9.65 9.14
N LEU C 100 29.43 10.32 10.29
CA LEU C 100 28.58 11.50 10.35
C LEU C 100 29.31 12.83 10.22
N ALA C 101 30.58 12.78 9.83
CA ALA C 101 31.38 13.99 9.67
C ALA C 101 30.76 14.95 8.67
N SER C 102 30.66 16.22 9.08
CA SER C 102 30.11 17.28 8.21
C SER C 102 31.22 18.29 7.92
N LEU C 103 31.29 18.77 6.68
CA LEU C 103 32.30 19.75 6.31
C LEU C 103 31.75 21.18 6.29
N ALA C 104 30.59 21.38 6.91
CA ALA C 104 29.98 22.70 6.97
C ALA C 104 30.90 23.67 7.70
N SER C 105 30.86 24.92 7.27
CA SER C 105 31.68 25.97 7.87
C SER C 105 30.80 26.98 8.61
N VAL C 106 29.51 26.97 8.30
CA VAL C 106 28.58 27.89 8.91
C VAL C 106 27.59 27.16 9.82
N LEU C 107 27.29 27.77 10.96
CA LEU C 107 26.37 27.19 11.94
C LEU C 107 24.94 27.66 11.65
N GLU C 108 23.96 26.91 12.15
CA GLU C 108 22.55 27.23 11.96
C GLU C 108 22.07 26.93 10.55
N ALA D 2 -6.75 34.79 9.14
CA ALA D 2 -5.71 33.74 9.24
C ALA D 2 -5.85 32.74 8.11
N THR D 3 -4.79 31.96 7.87
CA THR D 3 -4.82 30.95 6.81
C THR D 3 -4.87 29.57 7.47
N TYR D 4 -5.83 28.75 7.04
CA TYR D 4 -5.99 27.41 7.59
C TYR D 4 -5.61 26.38 6.53
N TYR D 5 -4.74 25.45 6.91
CA TYR D 5 -4.28 24.39 6.01
C TYR D 5 -4.94 23.10 6.48
N TYR D 6 -5.23 22.18 5.57
CA TYR D 6 -5.89 20.95 6.01
C TYR D 6 -5.67 19.73 5.14
N ILE D 7 -5.98 18.58 5.73
CA ILE D 7 -5.96 17.32 5.01
C ILE D 7 -7.41 16.89 5.20
N LEU D 8 -7.97 16.27 4.17
CA LEU D 8 -9.36 15.83 4.22
C LEU D 8 -9.46 14.38 3.75
N ALA D 9 -10.24 13.57 4.46
CA ALA D 9 -10.41 12.18 4.08
C ALA D 9 -11.69 11.67 4.71
N SER D 10 -12.11 10.47 4.31
CA SER D 10 -13.32 9.89 4.87
C SER D 10 -13.09 9.63 6.35
N LYS D 11 -14.16 9.70 7.13
CA LYS D 11 -14.08 9.45 8.55
C LYS D 11 -13.53 8.05 8.75
N LYS D 12 -13.95 7.13 7.87
CA LYS D 12 -13.52 5.75 7.93
C LYS D 12 -12.01 5.62 7.77
N PHE D 13 -11.45 6.26 6.76
CA PHE D 13 -10.01 6.20 6.51
C PHE D 13 -9.20 6.71 7.70
N LEU D 14 -9.68 7.78 8.34
CA LEU D 14 -9.00 8.38 9.48
C LEU D 14 -9.28 7.70 10.82
N THR D 15 -10.16 6.71 10.82
CA THR D 15 -10.50 6.00 12.05
C THR D 15 -10.02 4.56 12.07
N GLU D 16 -10.46 3.77 11.10
CA GLU D 16 -10.08 2.37 11.03
C GLU D 16 -8.75 2.16 10.32
N GLU D 17 -8.59 2.83 9.19
CA GLU D 17 -7.37 2.70 8.40
C GLU D 17 -6.16 3.31 9.11
N GLU D 18 -6.00 4.64 8.99
CA GLU D 18 -4.88 5.35 9.59
C GLU D 18 -5.31 6.21 10.79
N PRO D 19 -5.31 5.64 12.01
CA PRO D 19 -5.70 6.41 13.18
C PRO D 19 -4.62 7.41 13.61
N LEU D 20 -5.02 8.66 13.83
CA LEU D 20 -4.06 9.71 14.22
C LEU D 20 -4.14 10.03 15.71
N GLU D 21 -4.70 9.11 16.48
CA GLU D 21 -4.85 9.30 17.92
C GLU D 21 -3.52 9.58 18.62
N GLU D 22 -2.53 8.73 18.39
CA GLU D 22 -1.23 8.93 19.05
C GLU D 22 -0.50 10.16 18.54
N VAL D 23 -0.64 10.46 17.26
CA VAL D 23 0.00 11.65 16.69
C VAL D 23 -0.50 12.86 17.47
N PHE D 24 -1.83 12.95 17.61
CA PHE D 24 -2.43 14.06 18.32
C PHE D 24 -2.03 14.13 19.79
N ARG D 25 -2.13 13.01 20.50
CA ARG D 25 -1.77 13.05 21.91
C ARG D 25 -0.31 13.40 22.13
N GLU D 26 0.58 12.86 21.31
CA GLU D 26 2.00 13.19 21.46
C GLU D 26 2.26 14.66 21.16
N ARG D 27 1.62 15.20 20.13
CA ARG D 27 1.81 16.60 19.77
C ARG D 27 1.22 17.52 20.82
N GLN D 28 0.05 17.19 21.35
CA GLN D 28 -0.57 18.01 22.37
C GLN D 28 0.32 18.04 23.62
N ARG D 29 0.89 16.90 23.98
CA ARG D 29 1.78 16.84 25.15
C ARG D 29 2.99 17.73 24.91
N HIS D 30 3.52 17.68 23.69
CA HIS D 30 4.67 18.49 23.35
C HIS D 30 4.35 19.97 23.49
N TYR D 31 3.22 20.39 22.94
CA TYR D 31 2.82 21.78 23.02
C TYR D 31 2.67 22.26 24.46
N ARG D 32 2.04 21.46 25.31
CA ARG D 32 1.86 21.84 26.70
C ARG D 32 3.19 21.95 27.44
N GLU D 33 4.09 21.01 27.19
CA GLU D 33 5.41 21.02 27.84
C GLU D 33 6.20 22.26 27.45
N GLN D 34 5.97 22.76 26.24
CA GLN D 34 6.67 23.94 25.74
C GLN D 34 5.85 25.22 25.91
N GLY D 35 4.65 25.10 26.46
CA GLY D 35 3.82 26.27 26.64
C GLY D 35 3.35 26.88 25.33
N LYS D 36 3.14 26.05 24.30
CA LYS D 36 2.67 26.53 23.01
C LYS D 36 1.16 26.33 22.94
N GLU D 37 0.46 27.28 22.33
CA GLU D 37 -0.99 27.12 22.21
C GLU D 37 -1.25 26.16 21.05
N ILE D 38 -2.10 25.17 21.28
CA ILE D 38 -2.42 24.21 20.25
C ILE D 38 -2.98 24.94 19.03
N ASP D 39 -2.44 24.61 17.85
CA ASP D 39 -2.89 25.24 16.61
C ASP D 39 -3.22 24.20 15.53
N PHE D 40 -3.56 22.99 15.95
CA PHE D 40 -3.95 21.91 15.05
C PHE D 40 -5.19 21.31 15.67
N TRP D 41 -6.17 20.96 14.85
CA TRP D 41 -7.43 20.42 15.38
C TRP D 41 -8.09 19.37 14.51
N LEU D 42 -8.79 18.46 15.17
CA LEU D 42 -9.54 17.41 14.50
C LEU D 42 -10.93 18.03 14.26
N VAL D 43 -11.43 17.92 13.04
CA VAL D 43 -12.74 18.46 12.72
C VAL D 43 -13.59 17.46 11.96
N PRO D 44 -14.38 16.65 12.69
CA PRO D 44 -15.23 15.66 12.02
C PRO D 44 -16.36 16.35 11.23
N GLU D 45 -16.70 15.78 10.08
CA GLU D 45 -17.76 16.33 9.24
C GLU D 45 -17.67 17.86 9.17
N PRO D 46 -16.53 18.37 8.67
CA PRO D 46 -16.28 19.82 8.55
C PRO D 46 -17.32 20.56 7.73
N ALA D 47 -17.81 21.67 8.26
CA ALA D 47 -18.81 22.49 7.58
C ALA D 47 -18.27 23.18 6.34
N PHE D 48 -17.00 23.58 6.36
CA PHE D 48 -16.45 24.28 5.21
C PHE D 48 -16.60 23.46 3.93
N LEU D 49 -16.55 22.14 4.05
CA LEU D 49 -16.66 21.27 2.89
C LEU D 49 -17.98 21.44 2.13
N GLU D 50 -19.00 21.99 2.79
CA GLU D 50 -20.30 22.19 2.15
C GLU D 50 -20.37 23.47 1.32
N GLN D 51 -19.32 24.28 1.37
CA GLN D 51 -19.28 25.52 0.60
C GLN D 51 -18.90 25.24 -0.86
N PRO D 52 -19.46 26.00 -1.81
CA PRO D 52 -19.18 25.81 -3.23
C PRO D 52 -17.71 25.88 -3.59
N GLN D 53 -16.93 26.58 -2.77
CA GLN D 53 -15.50 26.70 -3.02
C GLN D 53 -14.84 25.33 -2.94
N PHE D 54 -15.48 24.40 -2.23
CA PHE D 54 -14.94 23.07 -2.02
C PHE D 54 -15.75 21.96 -2.69
N ALA D 55 -16.59 22.33 -3.65
CA ALA D 55 -17.43 21.36 -4.34
C ALA D 55 -16.62 20.20 -4.90
N GLU D 56 -15.49 20.51 -5.52
CA GLU D 56 -14.62 19.48 -6.10
C GLU D 56 -14.20 18.45 -5.05
N GLN D 57 -13.59 18.93 -3.97
CA GLN D 57 -13.15 18.03 -2.90
C GLN D 57 -14.29 17.25 -2.28
N LYS D 58 -15.44 17.89 -2.08
CA LYS D 58 -16.56 17.19 -1.48
C LYS D 58 -16.99 16.04 -2.40
N ALA D 59 -16.97 16.28 -3.70
CA ALA D 59 -17.35 15.26 -4.65
C ALA D 59 -16.38 14.08 -4.57
N ARG D 60 -15.09 14.37 -4.45
CA ARG D 60 -14.06 13.34 -4.39
C ARG D 60 -13.91 12.62 -3.05
N CYS D 61 -14.37 13.26 -1.98
CA CYS D 61 -14.23 12.67 -0.65
C CYS D 61 -15.45 11.89 -0.16
N PRO D 62 -15.23 10.64 0.29
CA PRO D 62 -16.34 9.82 0.79
C PRO D 62 -16.92 10.43 2.06
N GLN D 63 -18.24 10.37 2.22
CA GLN D 63 -18.91 10.91 3.40
C GLN D 63 -19.37 9.78 4.31
N PRO D 64 -19.38 10.01 5.64
CA PRO D 64 -19.00 11.26 6.30
C PRO D 64 -17.50 11.47 6.22
N ALA D 65 -17.10 12.73 6.13
CA ALA D 65 -15.69 13.06 6.04
C ALA D 65 -15.14 13.63 7.34
N ALA D 66 -13.83 13.84 7.36
CA ALA D 66 -13.16 14.37 8.53
C ALA D 66 -11.94 15.11 8.05
N ALA D 67 -11.60 16.19 8.76
CA ALA D 67 -10.45 16.98 8.39
C ALA D 67 -9.58 17.29 9.60
N ILE D 68 -8.30 17.48 9.34
CA ILE D 68 -7.35 17.86 10.36
C ILE D 68 -6.95 19.23 9.85
N ILE D 69 -7.22 20.26 10.65
CA ILE D 69 -6.93 21.63 10.25
C ILE D 69 -5.89 22.22 11.20
N SER D 70 -5.00 23.06 10.65
CA SER D 70 -3.95 23.70 11.44
C SER D 70 -3.49 24.97 10.74
N THR D 71 -3.03 25.95 11.51
CA THR D 71 -2.51 27.18 10.93
C THR D 71 -1.01 27.00 10.64
N ASN D 72 -0.51 25.80 10.97
CA ASN D 72 0.91 25.45 10.73
C ASN D 72 0.94 24.59 9.48
N GLN D 73 1.32 25.17 8.35
CA GLN D 73 1.37 24.44 7.09
C GLN D 73 2.30 23.24 7.07
N GLN D 74 3.44 23.33 7.77
CA GLN D 74 4.38 22.22 7.80
C GLN D 74 3.78 20.96 8.43
N PHE D 75 2.97 21.12 9.47
CA PHE D 75 2.35 19.97 10.12
C PHE D 75 1.42 19.26 9.14
N ILE D 76 0.69 20.04 8.36
CA ILE D 76 -0.23 19.48 7.37
C ILE D 76 0.56 18.76 6.27
N GLN D 77 1.66 19.38 5.83
CA GLN D 77 2.50 18.77 4.80
C GLN D 77 3.07 17.46 5.33
N TRP D 78 3.36 17.44 6.62
CA TRP D 78 3.88 16.23 7.27
C TRP D 78 2.81 15.15 7.21
N LEU D 79 1.57 15.52 7.56
CA LEU D 79 0.48 14.56 7.54
C LEU D 79 0.25 14.00 6.14
N LYS D 80 0.41 14.83 5.11
CA LYS D 80 0.25 14.39 3.73
C LYS D 80 1.29 13.33 3.38
N LEU D 81 2.54 13.55 3.81
CA LEU D 81 3.60 12.59 3.54
C LEU D 81 3.34 11.27 4.27
N ARG D 82 2.84 11.35 5.49
CA ARG D 82 2.56 10.16 6.26
C ARG D 82 1.36 9.36 5.75
N LEU D 83 0.25 10.04 5.48
CA LEU D 83 -0.97 9.38 5.01
C LEU D 83 -1.07 9.19 3.50
N GLU D 84 -0.65 10.21 2.75
CA GLU D 84 -0.65 10.20 1.29
C GLU D 84 -2.02 10.18 0.62
N TYR D 85 -2.81 9.14 0.86
CA TYR D 85 -4.14 9.05 0.26
C TYR D 85 -5.15 9.93 0.96
N VAL D 86 -4.92 11.24 0.87
CA VAL D 86 -5.78 12.23 1.49
C VAL D 86 -5.80 13.45 0.60
N LEU D 87 -6.80 14.30 0.76
CA LEU D 87 -6.86 15.53 -0.02
C LEU D 87 -6.22 16.60 0.86
N MSE D 88 -5.64 17.63 0.25
CA MSE D 88 -5.02 18.69 1.02
C MSE D 88 -5.45 20.04 0.43
O MSE D 88 -5.74 20.13 -0.76
CB MSE D 88 -3.49 18.55 1.00
CG MSE D 88 -2.70 19.52 1.90
SE MSE D 88 -0.76 19.18 1.99
CE MSE D 88 -0.50 18.72 0.13
N GLY D 89 -5.50 21.06 1.27
CA GLY D 89 -5.90 22.37 0.79
C GLY D 89 -5.75 23.44 1.86
N GLN D 90 -6.29 24.61 1.57
CA GLN D 90 -6.23 25.73 2.50
C GLN D 90 -7.33 26.73 2.22
N PHE D 91 -7.62 27.56 3.21
CA PHE D 91 -8.62 28.60 3.09
C PHE D 91 -8.34 29.68 4.13
N THR D 92 -8.90 30.86 3.93
CA THR D 92 -8.68 31.97 4.85
C THR D 92 -9.93 32.27 5.66
N SER D 93 -9.75 33.07 6.71
CA SER D 93 -10.83 33.47 7.58
C SER D 93 -11.97 34.14 6.81
N GLU D 94 -11.62 34.88 5.76
CA GLU D 94 -12.66 35.57 4.98
C GLU D 94 -13.41 34.66 4.03
N GLU D 95 -12.88 33.48 3.76
CA GLU D 95 -13.55 32.54 2.86
C GLU D 95 -14.50 31.62 3.63
N VAL D 96 -14.16 31.35 4.91
CA VAL D 96 -14.95 30.48 5.75
C VAL D 96 -15.20 31.15 7.10
N PRO D 97 -16.45 31.56 7.37
CA PRO D 97 -16.85 32.23 8.62
C PRO D 97 -16.48 31.54 9.93
N ASN D 98 -16.73 30.24 10.00
CA ASN D 98 -16.42 29.45 11.20
C ASN D 98 -15.56 28.28 10.73
N PRO D 99 -14.24 28.51 10.58
CA PRO D 99 -13.24 27.54 10.12
C PRO D 99 -13.30 26.13 10.72
N LEU D 100 -13.42 26.04 12.04
CA LEU D 100 -13.42 24.73 12.67
C LEU D 100 -14.79 24.14 12.98
N ALA D 101 -15.83 24.74 12.43
CA ALA D 101 -17.19 24.24 12.64
C ALA D 101 -17.34 22.80 12.18
N SER D 102 -17.96 21.99 13.04
CA SER D 102 -18.21 20.59 12.75
C SER D 102 -19.71 20.36 12.71
N LEU D 103 -20.18 19.58 11.74
CA LEU D 103 -21.61 19.29 11.65
C LEU D 103 -21.97 17.99 12.36
N ALA D 104 -21.05 17.47 13.16
CA ALA D 104 -21.28 16.22 13.91
C ALA D 104 -22.48 16.34 14.84
N SER D 105 -23.23 15.25 14.99
CA SER D 105 -24.40 15.26 15.85
C SER D 105 -24.34 14.26 17.00
N VAL D 106 -23.22 13.56 17.14
CA VAL D 106 -23.13 12.59 18.22
C VAL D 106 -21.77 12.50 18.91
N LEU D 107 -21.79 12.18 20.19
CA LEU D 107 -20.58 12.03 21.00
C LEU D 107 -20.43 10.56 21.40
N GLU D 108 -19.32 9.94 21.03
CA GLU D 108 -19.08 8.53 21.36
C GLU D 108 -20.28 7.65 21.02
N MSE E 1 20.11 -9.79 6.69
CA MSE E 1 19.72 -9.04 5.45
C MSE E 1 18.50 -9.71 4.82
O MSE E 1 17.49 -9.96 5.48
CB MSE E 1 20.88 -9.02 4.45
CG MSE E 1 21.01 -7.73 3.66
SE MSE E 1 19.46 -7.21 2.58
CE MSE E 1 20.39 -6.31 1.14
N ALA E 2 18.60 -10.00 3.52
CA ALA E 2 17.51 -10.65 2.80
C ALA E 2 16.40 -9.71 2.40
N THR E 3 16.03 -9.82 1.14
CA THR E 3 14.97 -9.03 0.57
C THR E 3 13.76 -9.94 0.49
N TYR E 4 12.61 -9.40 0.83
CA TYR E 4 11.36 -10.14 0.79
C TYR E 4 10.51 -9.54 -0.32
N TYR E 5 9.92 -10.40 -1.14
CA TYR E 5 9.06 -9.95 -2.23
C TYR E 5 7.65 -10.36 -1.86
N TYR E 6 6.65 -9.60 -2.28
CA TYR E 6 5.30 -9.96 -1.91
C TYR E 6 4.23 -9.53 -2.90
N ILE E 7 3.08 -10.19 -2.83
CA ILE E 7 1.92 -9.76 -3.60
C ILE E 7 0.93 -9.49 -2.48
N LEU E 8 0.09 -8.49 -2.67
CA LEU E 8 -0.85 -8.10 -1.64
C LEU E 8 -2.24 -7.88 -2.23
N ALA E 9 -3.27 -8.35 -1.52
CA ALA E 9 -4.66 -8.18 -1.96
C ALA E 9 -5.57 -8.41 -0.76
N SER E 10 -6.87 -8.25 -0.96
CA SER E 10 -7.79 -8.48 0.16
C SER E 10 -7.71 -9.96 0.48
N LYS E 11 -7.88 -10.29 1.75
CA LYS E 11 -7.82 -11.69 2.17
C LYS E 11 -8.88 -12.49 1.42
N LYS E 12 -10.07 -11.91 1.30
CA LYS E 12 -11.20 -12.54 0.63
C LYS E 12 -10.86 -12.89 -0.83
N PHE E 13 -10.22 -11.95 -1.52
CA PHE E 13 -9.84 -12.17 -2.91
C PHE E 13 -8.88 -13.35 -3.09
N LEU E 14 -7.82 -13.38 -2.30
CA LEU E 14 -6.85 -14.47 -2.40
C LEU E 14 -7.49 -15.81 -2.01
N THR E 15 -8.49 -15.74 -1.13
CA THR E 15 -9.19 -16.94 -0.66
C THR E 15 -10.27 -17.44 -1.61
N GLU E 16 -11.42 -16.79 -1.58
CA GLU E 16 -12.56 -17.18 -2.41
C GLU E 16 -12.52 -16.67 -3.86
N GLU E 17 -11.34 -16.68 -4.48
CA GLU E 17 -11.23 -16.21 -5.86
C GLU E 17 -10.13 -16.92 -6.65
N GLU E 18 -8.99 -17.17 -6.00
CA GLU E 18 -7.87 -17.81 -6.68
C GLU E 18 -7.52 -19.22 -6.19
N PRO E 19 -7.11 -20.11 -7.12
CA PRO E 19 -6.75 -21.50 -6.80
C PRO E 19 -5.30 -21.61 -6.32
N LEU E 20 -4.95 -20.78 -5.34
CA LEU E 20 -3.61 -20.76 -4.79
C LEU E 20 -3.33 -21.91 -3.83
N GLU E 21 -4.36 -22.70 -3.51
CA GLU E 21 -4.16 -23.80 -2.57
C GLU E 21 -3.29 -24.89 -3.19
N GLU E 22 -3.52 -25.21 -4.46
CA GLU E 22 -2.74 -26.22 -5.15
C GLU E 22 -1.32 -25.71 -5.35
N VAL E 23 -1.20 -24.41 -5.58
CA VAL E 23 0.11 -23.82 -5.76
C VAL E 23 0.95 -24.10 -4.52
N PHE E 24 0.40 -23.80 -3.35
CA PHE E 24 1.14 -24.06 -2.10
C PHE E 24 1.31 -25.54 -1.81
N ARG E 25 0.23 -26.31 -1.99
CA ARG E 25 0.29 -27.75 -1.76
C ARG E 25 1.41 -28.35 -2.60
N GLU E 26 1.37 -28.08 -3.89
CA GLU E 26 2.35 -28.58 -4.84
C GLU E 26 3.78 -28.08 -4.58
N ARG E 27 3.94 -26.79 -4.36
CA ARG E 27 5.28 -26.25 -4.14
C ARG E 27 5.86 -26.81 -2.84
N GLN E 28 5.04 -26.90 -1.80
CA GLN E 28 5.53 -27.44 -0.53
C GLN E 28 5.96 -28.90 -0.69
N ARG E 29 5.16 -29.69 -1.39
CA ARG E 29 5.53 -31.09 -1.62
C ARG E 29 6.86 -31.17 -2.37
N HIS E 30 6.97 -30.37 -3.43
CA HIS E 30 8.18 -30.34 -4.24
C HIS E 30 9.42 -29.96 -3.44
N TYR E 31 9.26 -29.00 -2.54
CA TYR E 31 10.39 -28.57 -1.72
C TYR E 31 10.90 -29.64 -0.77
N ARG E 32 10.00 -30.30 -0.05
CA ARG E 32 10.42 -31.34 0.89
C ARG E 32 11.02 -32.56 0.22
N GLU E 33 10.62 -32.83 -1.02
CA GLU E 33 11.15 -33.96 -1.76
C GLU E 33 12.55 -33.63 -2.25
N GLN E 34 12.82 -32.34 -2.39
CA GLN E 34 14.13 -31.88 -2.85
C GLN E 34 14.99 -31.47 -1.66
N GLY E 35 14.41 -31.57 -0.47
CA GLY E 35 15.15 -31.20 0.72
C GLY E 35 15.42 -29.71 0.83
N LYS E 36 14.61 -28.89 0.15
CA LYS E 36 14.78 -27.44 0.19
C LYS E 36 13.91 -26.80 1.25
N GLU E 37 14.45 -25.81 1.93
CA GLU E 37 13.72 -25.11 2.99
C GLU E 37 12.67 -24.19 2.36
N ILE E 38 11.44 -24.32 2.82
CA ILE E 38 10.35 -23.51 2.32
C ILE E 38 10.70 -22.04 2.51
N ASP E 39 10.62 -21.27 1.42
CA ASP E 39 10.93 -19.83 1.47
C ASP E 39 9.79 -18.96 0.93
N PHE E 40 8.57 -19.48 1.00
CA PHE E 40 7.38 -18.76 0.57
C PHE E 40 6.34 -18.97 1.66
N TRP E 41 5.65 -17.91 2.03
CA TRP E 41 4.68 -18.01 3.11
C TRP E 41 3.42 -17.18 2.90
N LEU E 42 2.34 -17.68 3.49
CA LEU E 42 1.04 -17.03 3.45
C LEU E 42 1.01 -16.15 4.69
N VAL E 43 0.68 -14.88 4.54
CA VAL E 43 0.61 -14.00 5.71
C VAL E 43 -0.69 -13.19 5.73
N PRO E 44 -1.69 -13.69 6.45
CA PRO E 44 -2.96 -12.95 6.51
C PRO E 44 -2.78 -11.71 7.39
N GLU E 45 -3.48 -10.63 7.04
CA GLU E 45 -3.39 -9.39 7.79
C GLU E 45 -1.93 -9.06 8.15
N PRO E 46 -1.06 -8.96 7.13
CA PRO E 46 0.37 -8.66 7.33
C PRO E 46 0.63 -7.38 8.11
N ALA E 47 1.51 -7.46 9.10
CA ALA E 47 1.86 -6.31 9.93
C ALA E 47 2.68 -5.28 9.16
N PHE E 48 3.49 -5.73 8.22
CA PHE E 48 4.31 -4.77 7.49
C PHE E 48 3.46 -3.67 6.86
N LEU E 49 2.22 -4.01 6.49
CA LEU E 49 1.31 -3.08 5.85
C LEU E 49 0.96 -1.88 6.75
N GLU E 50 1.27 -2.00 8.03
CA GLU E 50 0.98 -0.94 9.00
C GLU E 50 2.15 0.04 9.15
N GLN E 51 3.29 -0.28 8.54
CA GLN E 51 4.46 0.59 8.60
C GLN E 51 4.27 1.78 7.67
N PRO E 52 4.83 2.95 8.02
CA PRO E 52 4.71 4.17 7.22
C PRO E 52 5.07 4.07 5.73
N GLN E 53 6.07 3.25 5.41
CA GLN E 53 6.49 3.10 4.02
C GLN E 53 5.44 2.41 3.15
N PHE E 54 4.45 1.79 3.77
CA PHE E 54 3.40 1.09 3.01
C PHE E 54 2.04 1.79 3.08
N ALA E 55 2.02 3.06 3.47
CA ALA E 55 0.76 3.80 3.58
C ALA E 55 -0.04 3.81 2.29
N GLU E 56 0.65 3.91 1.15
CA GLU E 56 -0.06 3.94 -0.12
C GLU E 56 -0.69 2.58 -0.44
N GLN E 57 0.03 1.50 -0.17
CA GLN E 57 -0.51 0.16 -0.41
C GLN E 57 -1.67 -0.12 0.54
N LYS E 58 -1.51 0.28 1.79
CA LYS E 58 -2.54 0.08 2.81
C LYS E 58 -3.86 0.73 2.39
N ALA E 59 -3.78 1.92 1.82
CA ALA E 59 -4.98 2.64 1.38
C ALA E 59 -5.66 2.00 0.17
N ARG E 60 -4.87 1.34 -0.68
CA ARG E 60 -5.40 0.73 -1.89
C ARG E 60 -5.85 -0.71 -1.71
N CYS E 61 -5.44 -1.33 -0.60
CA CYS E 61 -5.80 -2.71 -0.34
C CYS E 61 -6.95 -2.82 0.65
N PRO E 62 -8.00 -3.56 0.29
CA PRO E 62 -9.15 -3.71 1.20
C PRO E 62 -8.73 -4.49 2.45
N GLN E 63 -9.42 -4.25 3.57
CA GLN E 63 -9.13 -4.96 4.81
C GLN E 63 -10.28 -5.89 5.16
N PRO E 64 -9.98 -7.06 5.73
CA PRO E 64 -8.63 -7.53 6.05
C PRO E 64 -7.84 -7.90 4.79
N ALA E 65 -6.55 -7.60 4.80
CA ALA E 65 -5.69 -7.90 3.65
C ALA E 65 -4.95 -9.20 3.89
N ALA E 66 -4.28 -9.67 2.85
CA ALA E 66 -3.51 -10.91 2.92
C ALA E 66 -2.33 -10.80 1.96
N ALA E 67 -1.21 -11.38 2.34
CA ALA E 67 -0.03 -11.34 1.49
C ALA E 67 0.59 -12.71 1.32
N ILE E 68 1.29 -12.86 0.20
CA ILE E 68 2.04 -14.08 -0.10
C ILE E 68 3.43 -13.48 -0.15
N ILE E 69 4.32 -13.96 0.72
CA ILE E 69 5.67 -13.41 0.79
C ILE E 69 6.71 -14.48 0.53
N SER E 70 7.80 -14.10 -0.12
CA SER E 70 8.85 -15.07 -0.43
C SER E 70 10.19 -14.39 -0.70
N THR E 71 11.27 -15.09 -0.38
CA THR E 71 12.60 -14.55 -0.64
C THR E 71 12.98 -14.90 -2.08
N ASN E 72 12.10 -15.64 -2.74
CA ASN E 72 12.30 -16.03 -4.14
C ASN E 72 11.52 -15.04 -5.01
N GLN E 73 12.23 -14.11 -5.62
CA GLN E 73 11.62 -13.08 -6.46
C GLN E 73 10.83 -13.64 -7.66
N GLN E 74 11.37 -14.67 -8.30
CA GLN E 74 10.72 -15.27 -9.47
C GLN E 74 9.31 -15.80 -9.14
N PHE E 75 9.17 -16.43 -7.99
CA PHE E 75 7.88 -16.98 -7.56
C PHE E 75 6.86 -15.85 -7.39
N ILE E 76 7.25 -14.77 -6.72
CA ILE E 76 6.34 -13.66 -6.50
C ILE E 76 5.97 -12.98 -7.82
N GLN E 77 6.97 -12.79 -8.69
CA GLN E 77 6.73 -12.18 -9.99
C GLN E 77 5.73 -13.01 -10.78
N TRP E 78 5.90 -14.33 -10.73
CA TRP E 78 5.02 -15.25 -11.44
C TRP E 78 3.56 -15.08 -10.97
N LEU E 79 3.37 -14.99 -9.65
CA LEU E 79 2.04 -14.82 -9.07
C LEU E 79 1.40 -13.52 -9.54
N LYS E 80 2.18 -12.45 -9.49
CA LYS E 80 1.71 -11.13 -9.92
C LYS E 80 1.29 -11.16 -11.38
N LEU E 81 2.11 -11.75 -12.23
CA LEU E 81 1.82 -11.82 -13.67
C LEU E 81 0.52 -12.59 -13.95
N ARG E 82 0.39 -13.77 -13.35
CA ARG E 82 -0.79 -14.61 -13.57
C ARG E 82 -2.09 -14.10 -12.93
N LEU E 83 -2.01 -13.52 -11.74
CA LEU E 83 -3.21 -13.06 -11.05
C LEU E 83 -3.59 -11.64 -11.45
N GLU E 84 -2.58 -10.84 -11.78
CA GLU E 84 -2.75 -9.46 -12.22
C GLU E 84 -3.35 -8.46 -11.24
N TYR E 85 -4.56 -8.72 -10.76
CA TYR E 85 -5.24 -7.79 -9.86
C TYR E 85 -4.80 -7.83 -8.41
N VAL E 86 -3.48 -7.76 -8.21
CA VAL E 86 -2.91 -7.75 -6.89
C VAL E 86 -1.76 -6.74 -6.90
N LEU E 87 -1.34 -6.32 -5.73
CA LEU E 87 -0.23 -5.38 -5.64
C LEU E 87 1.03 -6.19 -5.41
N MSE E 88 2.17 -5.68 -5.88
CA MSE E 88 3.42 -6.38 -5.69
C MSE E 88 4.46 -5.37 -5.21
O MSE E 88 4.38 -4.19 -5.51
CB MSE E 88 3.89 -7.03 -7.00
CG MSE E 88 5.23 -7.74 -6.88
SE MSE E 88 5.86 -8.62 -8.52
CE MSE E 88 6.49 -7.06 -9.46
N GLY E 89 5.43 -5.86 -4.44
CA GLY E 89 6.47 -4.97 -3.95
C GLY E 89 7.54 -5.77 -3.23
N GLN E 90 8.46 -5.06 -2.61
CA GLN E 90 9.53 -5.73 -1.88
C GLN E 90 10.00 -4.85 -0.74
N PHE E 91 10.73 -5.46 0.19
CA PHE E 91 11.30 -4.76 1.33
C PHE E 91 12.41 -5.60 1.93
N THR E 92 13.25 -4.97 2.74
CA THR E 92 14.36 -5.68 3.35
C THR E 92 14.12 -5.95 4.83
N SER E 93 14.85 -6.92 5.37
CA SER E 93 14.77 -7.27 6.79
C SER E 93 15.12 -6.07 7.65
N GLU E 94 16.02 -5.22 7.16
CA GLU E 94 16.41 -4.05 7.95
C GLU E 94 15.40 -2.92 7.89
N GLU E 95 14.44 -3.02 6.99
CA GLU E 95 13.39 -2.02 6.86
C GLU E 95 12.12 -2.46 7.60
N VAL E 96 11.97 -3.77 7.75
CA VAL E 96 10.80 -4.36 8.42
C VAL E 96 11.28 -5.46 9.38
N PRO E 97 11.36 -5.17 10.69
CA PRO E 97 11.80 -6.05 11.78
C PRO E 97 11.32 -7.51 11.75
N ASN E 98 10.00 -7.70 11.76
CA ASN E 98 9.41 -9.04 11.72
C ASN E 98 8.63 -9.16 10.41
N PRO E 99 9.33 -9.42 9.30
CA PRO E 99 8.78 -9.56 7.95
C PRO E 99 7.48 -10.36 7.78
N LEU E 100 7.40 -11.53 8.42
CA LEU E 100 6.23 -12.39 8.27
C LEU E 100 5.16 -12.27 9.35
N ALA E 101 5.27 -11.25 10.19
CA ALA E 101 4.30 -11.04 11.26
C ALA E 101 2.87 -10.87 10.74
N SER E 102 1.94 -11.56 11.39
CA SER E 102 0.52 -11.47 11.02
C SER E 102 -0.25 -10.85 12.20
N LEU E 103 -1.22 -10.00 11.90
CA LEU E 103 -2.01 -9.37 12.97
C LEU E 103 -3.39 -10.03 13.13
N ALA E 104 -3.53 -11.26 12.65
CA ALA E 104 -4.79 -11.98 12.77
C ALA E 104 -5.13 -12.27 14.23
N SER E 105 -6.41 -12.27 14.55
CA SER E 105 -6.88 -12.53 15.91
C SER E 105 -7.64 -13.84 16.00
N VAL E 106 -7.82 -14.51 14.86
CA VAL E 106 -8.57 -15.76 14.86
C VAL E 106 -8.07 -16.74 13.80
N LEU E 107 -8.02 -18.02 14.18
CA LEU E 107 -7.57 -19.07 13.27
C LEU E 107 -8.73 -19.57 12.40
N GLU E 108 -8.41 -20.48 11.48
CA GLU E 108 -9.40 -21.05 10.57
C GLU E 108 -10.52 -21.78 11.30
N ALA F 2 16.95 -11.12 18.71
CA ALA F 2 15.78 -10.99 19.63
C ALA F 2 15.38 -12.35 20.18
N THR F 3 14.68 -12.32 21.31
CA THR F 3 14.22 -13.54 21.94
C THR F 3 12.71 -13.61 21.83
N TYR F 4 12.21 -14.73 21.34
CA TYR F 4 10.79 -14.93 21.17
C TYR F 4 10.28 -15.97 22.16
N TYR F 5 9.14 -15.69 22.79
CA TYR F 5 8.55 -16.61 23.75
C TYR F 5 7.26 -17.10 23.12
N TYR F 6 6.85 -18.33 23.42
CA TYR F 6 5.64 -18.84 22.79
C TYR F 6 4.88 -19.92 23.55
N ILE F 7 3.59 -20.04 23.24
CA ILE F 7 2.78 -21.11 23.80
C ILE F 7 2.42 -21.86 22.53
N LEU F 8 2.34 -23.17 22.63
CA LEU F 8 2.04 -24.00 21.47
C LEU F 8 0.97 -25.02 21.82
N ALA F 9 0.03 -25.22 20.90
CA ALA F 9 -1.04 -26.18 21.13
C ALA F 9 -1.68 -26.53 19.79
N SER F 10 -2.60 -27.48 19.81
CA SER F 10 -3.27 -27.90 18.58
C SER F 10 -4.16 -26.76 18.10
N LYS F 11 -4.45 -26.74 16.80
CA LYS F 11 -5.31 -25.71 16.25
C LYS F 11 -6.71 -25.86 16.83
N LYS F 12 -7.19 -27.10 16.92
CA LYS F 12 -8.54 -27.34 17.44
C LYS F 12 -8.70 -26.84 18.87
N PHE F 13 -7.65 -26.95 19.67
CA PHE F 13 -7.72 -26.49 21.04
C PHE F 13 -7.87 -24.97 21.10
N LEU F 14 -7.01 -24.28 20.36
CA LEU F 14 -7.03 -22.82 20.34
C LEU F 14 -8.26 -22.25 19.63
N THR F 15 -9.01 -23.09 18.93
CA THR F 15 -10.19 -22.62 18.22
C THR F 15 -11.50 -23.11 18.84
N GLU F 16 -11.55 -24.40 19.16
CA GLU F 16 -12.76 -24.98 19.75
C GLU F 16 -12.78 -24.95 21.27
N GLU F 17 -11.61 -25.17 21.88
CA GLU F 17 -11.51 -25.18 23.33
C GLU F 17 -11.33 -23.80 23.95
N GLU F 18 -10.14 -23.23 23.80
CA GLU F 18 -9.84 -21.91 24.37
C GLU F 18 -9.54 -20.84 23.32
N PRO F 19 -10.58 -20.24 22.72
CA PRO F 19 -10.38 -19.21 21.70
C PRO F 19 -9.82 -17.92 22.29
N LEU F 20 -8.82 -17.34 21.62
CA LEU F 20 -8.19 -16.11 22.09
C LEU F 20 -8.51 -14.86 21.28
N GLU F 21 -9.55 -14.93 20.45
CA GLU F 21 -9.93 -13.80 19.60
C GLU F 21 -10.15 -12.50 20.38
N GLU F 22 -10.98 -12.56 21.41
CA GLU F 22 -11.27 -11.40 22.23
C GLU F 22 -10.01 -10.86 22.89
N VAL F 23 -9.14 -11.78 23.29
CA VAL F 23 -7.88 -11.40 23.94
C VAL F 23 -6.99 -10.61 22.98
N PHE F 24 -6.82 -11.13 21.75
CA PHE F 24 -6.00 -10.45 20.77
C PHE F 24 -6.58 -9.09 20.41
N ARG F 25 -7.87 -9.05 20.11
CA ARG F 25 -8.54 -7.81 19.75
C ARG F 25 -8.48 -6.76 20.85
N GLU F 26 -8.63 -7.17 22.10
CA GLU F 26 -8.58 -6.24 23.22
C GLU F 26 -7.15 -5.73 23.44
N ARG F 27 -6.17 -6.61 23.31
CA ARG F 27 -4.79 -6.21 23.51
C ARG F 27 -4.28 -5.34 22.36
N GLN F 28 -4.73 -5.63 21.13
CA GLN F 28 -4.31 -4.84 19.98
C GLN F 28 -4.89 -3.45 20.11
N ARG F 29 -6.11 -3.36 20.62
CA ARG F 29 -6.78 -2.08 20.81
C ARG F 29 -5.99 -1.27 21.83
N HIS F 30 -5.71 -1.90 22.96
CA HIS F 30 -4.96 -1.26 24.04
C HIS F 30 -3.61 -0.71 23.60
N TYR F 31 -2.85 -1.50 22.85
CA TYR F 31 -1.54 -1.09 22.38
C TYR F 31 -1.55 0.23 21.60
N ARG F 32 -2.49 0.36 20.67
CA ARG F 32 -2.59 1.56 19.86
C ARG F 32 -2.90 2.79 20.73
N GLU F 33 -3.72 2.59 21.75
CA GLU F 33 -4.09 3.66 22.67
C GLU F 33 -2.86 4.16 23.42
N GLN F 34 -1.86 3.30 23.56
CA GLN F 34 -0.64 3.65 24.26
C GLN F 34 0.52 3.89 23.30
N GLY F 35 0.23 3.85 22.00
CA GLY F 35 1.27 4.07 21.01
C GLY F 35 2.36 3.00 21.03
N LYS F 36 1.96 1.78 21.35
CA LYS F 36 2.90 0.66 21.41
C LYS F 36 2.75 -0.21 20.16
N GLU F 37 3.87 -0.69 19.62
CA GLU F 37 3.82 -1.52 18.43
C GLU F 37 3.49 -2.97 18.82
N ILE F 38 2.58 -3.59 18.08
CA ILE F 38 2.19 -4.97 18.35
C ILE F 38 3.41 -5.89 18.37
N ASP F 39 3.60 -6.58 19.48
CA ASP F 39 4.73 -7.50 19.62
C ASP F 39 4.28 -8.91 19.99
N PHE F 40 3.03 -9.23 19.66
CA PHE F 40 2.48 -10.56 19.92
C PHE F 40 1.76 -10.98 18.64
N TRP F 41 1.94 -12.23 18.25
CA TRP F 41 1.34 -12.70 17.00
C TRP F 41 0.84 -14.14 17.01
N LEU F 42 -0.23 -14.36 16.27
CA LEU F 42 -0.80 -15.68 16.10
C LEU F 42 -0.06 -16.28 14.91
N VAL F 43 0.47 -17.48 15.06
CA VAL F 43 1.18 -18.13 13.97
C VAL F 43 0.71 -19.57 13.77
N PRO F 44 -0.23 -19.79 12.84
CA PRO F 44 -0.70 -21.17 12.63
C PRO F 44 0.35 -22.02 11.92
N GLU F 45 0.43 -23.30 12.30
CA GLU F 45 1.41 -24.21 11.69
C GLU F 45 2.79 -23.53 11.60
N PRO F 46 3.37 -23.19 12.76
CA PRO F 46 4.67 -22.53 12.85
C PRO F 46 5.82 -23.35 12.25
N ALA F 47 6.59 -22.70 11.38
CA ALA F 47 7.72 -23.32 10.72
C ALA F 47 8.84 -23.74 11.68
N PHE F 48 9.06 -22.95 12.73
CA PHE F 48 10.14 -23.27 13.66
C PHE F 48 9.96 -24.65 14.29
N LEU F 49 8.71 -25.07 14.42
CA LEU F 49 8.40 -26.35 15.03
C LEU F 49 8.96 -27.52 14.21
N GLU F 50 9.24 -27.29 12.93
CA GLU F 50 9.77 -28.34 12.06
C GLU F 50 11.28 -28.47 12.18
N GLN F 51 11.92 -27.56 12.92
CA GLN F 51 13.36 -27.60 13.10
C GLN F 51 13.79 -28.69 14.07
N PRO F 52 15.01 -29.22 13.89
CA PRO F 52 15.58 -30.27 14.74
C PRO F 52 15.45 -30.02 16.24
N GLN F 53 15.87 -28.84 16.68
CA GLN F 53 15.81 -28.49 18.10
C GLN F 53 14.43 -28.44 18.72
N PHE F 54 13.39 -28.60 17.91
CA PHE F 54 12.03 -28.56 18.44
C PHE F 54 11.31 -29.88 18.22
N ALA F 55 12.06 -30.92 17.89
CA ALA F 55 11.50 -32.24 17.64
C ALA F 55 10.65 -32.77 18.80
N GLU F 56 11.14 -32.56 20.01
CA GLU F 56 10.46 -32.99 21.23
C GLU F 56 9.09 -32.33 21.32
N GLN F 57 9.06 -31.03 21.05
CA GLN F 57 7.83 -30.25 21.10
C GLN F 57 6.88 -30.72 19.99
N LYS F 58 7.46 -30.93 18.81
CA LYS F 58 6.72 -31.37 17.64
C LYS F 58 5.92 -32.63 17.95
N ALA F 59 6.57 -33.61 18.54
CA ALA F 59 5.92 -34.88 18.89
C ALA F 59 4.89 -34.76 19.99
N ARG F 60 5.13 -33.87 20.95
CA ARG F 60 4.21 -33.67 22.07
C ARG F 60 2.97 -32.86 21.72
N CYS F 61 3.03 -32.09 20.64
CA CYS F 61 1.89 -31.27 20.25
C CYS F 61 1.08 -31.88 19.12
N PRO F 62 -0.23 -32.06 19.32
CA PRO F 62 -1.04 -32.65 18.24
C PRO F 62 -1.12 -31.71 17.03
N GLN F 63 -1.14 -32.30 15.83
CA GLN F 63 -1.21 -31.52 14.60
C GLN F 63 -2.63 -31.56 14.05
N PRO F 64 -3.05 -30.51 13.33
CA PRO F 64 -2.28 -29.30 13.00
C PRO F 64 -2.12 -28.42 14.23
N ALA F 65 -0.98 -27.74 14.33
CA ALA F 65 -0.71 -26.89 15.48
C ALA F 65 -0.71 -25.39 15.20
N ALA F 66 -0.66 -24.61 16.27
CA ALA F 66 -0.62 -23.16 16.17
C ALA F 66 0.11 -22.61 17.38
N ALA F 67 0.83 -21.52 17.18
CA ALA F 67 1.55 -20.92 18.27
C ALA F 67 1.19 -19.46 18.44
N ILE F 68 1.36 -18.94 19.65
CA ILE F 68 1.15 -17.53 19.91
C ILE F 68 2.56 -17.15 20.31
N ILE F 69 3.17 -16.29 19.51
CA ILE F 69 4.55 -15.85 19.73
C ILE F 69 4.59 -14.37 20.09
N SER F 70 5.48 -14.03 21.00
CA SER F 70 5.64 -12.65 21.44
C SER F 70 7.04 -12.44 21.98
N THR F 71 7.49 -11.19 21.97
CA THR F 71 8.80 -10.86 22.51
C THR F 71 8.57 -10.40 23.94
N ASN F 72 7.31 -10.46 24.36
CA ASN F 72 6.88 -10.08 25.71
C ASN F 72 6.64 -11.36 26.51
N GLN F 73 7.62 -11.73 27.33
CA GLN F 73 7.56 -12.94 28.15
C GLN F 73 6.38 -12.98 29.12
N GLN F 74 6.10 -11.86 29.77
CA GLN F 74 5.01 -11.82 30.75
C GLN F 74 3.67 -12.08 30.08
N PHE F 75 3.51 -11.62 28.85
CA PHE F 75 2.25 -11.85 28.15
C PHE F 75 2.10 -13.35 27.92
N ILE F 76 3.18 -13.99 27.48
CA ILE F 76 3.18 -15.43 27.21
C ILE F 76 2.94 -16.24 28.48
N GLN F 77 3.57 -15.84 29.59
CA GLN F 77 3.36 -16.53 30.84
C GLN F 77 1.90 -16.37 31.26
N TRP F 78 1.35 -15.19 31.00
CA TRP F 78 -0.05 -14.94 31.34
C TRP F 78 -0.94 -15.90 30.55
N LEU F 79 -0.64 -16.06 29.26
CA LEU F 79 -1.40 -16.96 28.42
C LEU F 79 -1.25 -18.39 28.91
N LYS F 80 -0.06 -18.72 29.40
CA LYS F 80 0.23 -20.05 29.92
C LYS F 80 -0.67 -20.27 31.13
N LEU F 81 -0.63 -19.31 32.06
CA LEU F 81 -1.41 -19.33 33.28
C LEU F 81 -2.89 -19.50 32.96
N ARG F 82 -3.35 -18.82 31.91
CA ARG F 82 -4.75 -18.90 31.51
C ARG F 82 -5.17 -20.21 30.83
N LEU F 83 -4.35 -20.73 29.92
CA LEU F 83 -4.70 -21.96 29.21
C LEU F 83 -4.25 -23.25 29.88
N GLU F 84 -3.00 -23.31 30.34
CA GLU F 84 -2.46 -24.50 30.99
C GLU F 84 -2.32 -25.71 30.05
N TYR F 85 -3.34 -26.02 29.26
CA TYR F 85 -3.28 -27.16 28.33
C TYR F 85 -2.47 -26.80 27.08
N VAL F 86 -1.26 -26.27 27.28
CA VAL F 86 -0.42 -25.87 26.16
C VAL F 86 1.07 -25.97 26.52
N LEU F 87 1.90 -26.09 25.51
CA LEU F 87 3.35 -26.15 25.70
C LEU F 87 3.88 -24.73 25.64
N MSE F 88 5.01 -24.48 26.30
CA MSE F 88 5.60 -23.15 26.31
C MSE F 88 7.10 -23.27 26.05
O MSE F 88 7.70 -24.29 26.34
CB MSE F 88 5.36 -22.46 27.66
CG MSE F 88 5.61 -20.95 27.66
SE MSE F 88 5.19 -20.08 29.35
CE MSE F 88 7.00 -19.57 29.85
N GLY F 89 7.68 -22.23 25.47
CA GLY F 89 9.11 -22.25 25.18
C GLY F 89 9.62 -20.93 24.65
N GLN F 90 10.86 -20.91 24.21
CA GLN F 90 11.47 -19.70 23.67
C GLN F 90 12.61 -20.05 22.72
N PHE F 91 12.95 -19.10 21.86
CA PHE F 91 14.04 -19.27 20.90
C PHE F 91 14.48 -17.89 20.43
N THR F 92 15.66 -17.82 19.85
CA THR F 92 16.21 -16.56 19.36
C THR F 92 16.25 -16.52 17.84
N SER F 93 16.41 -15.32 17.29
CA SER F 93 16.47 -15.16 15.84
C SER F 93 17.71 -15.85 15.29
N GLU F 94 18.66 -16.16 16.16
CA GLU F 94 19.89 -16.83 15.75
C GLU F 94 19.60 -18.30 15.43
N GLU F 95 18.61 -18.86 16.11
CA GLU F 95 18.24 -20.26 15.92
C GLU F 95 17.18 -20.47 14.85
N VAL F 96 16.30 -19.50 14.68
CA VAL F 96 15.24 -19.59 13.69
C VAL F 96 15.33 -18.43 12.70
N PRO F 97 15.61 -18.73 11.42
CA PRO F 97 15.74 -17.74 10.36
C PRO F 97 14.58 -16.76 10.26
N ASN F 98 13.37 -17.31 10.14
CA ASN F 98 12.15 -16.52 10.05
C ASN F 98 11.25 -16.93 11.21
N PRO F 99 11.38 -16.27 12.37
CA PRO F 99 10.62 -16.53 13.58
C PRO F 99 9.11 -16.71 13.46
N LEU F 100 8.45 -15.82 12.73
CA LEU F 100 7.00 -15.87 12.59
C LEU F 100 6.46 -16.56 11.33
N ALA F 101 7.31 -17.31 10.65
CA ALA F 101 6.91 -18.04 9.46
C ALA F 101 5.83 -19.06 9.74
N SER F 102 4.80 -19.07 8.89
CA SER F 102 3.71 -20.03 9.01
C SER F 102 3.72 -20.92 7.77
N LEU F 103 3.51 -22.23 7.96
CA LEU F 103 3.50 -23.14 6.83
C LEU F 103 2.07 -23.45 6.39
N ALA F 104 1.12 -22.62 6.84
CA ALA F 104 -0.28 -22.82 6.46
C ALA F 104 -0.32 -22.87 4.94
N SER F 105 -1.05 -23.83 4.40
CA SER F 105 -1.13 -24.00 2.96
C SER F 105 -2.35 -23.34 2.34
N VAL F 106 -3.20 -22.76 3.17
CA VAL F 106 -4.41 -22.11 2.66
C VAL F 106 -4.96 -21.12 3.69
N LEU F 107 -5.58 -20.04 3.20
CA LEU F 107 -6.18 -19.04 4.07
C LEU F 107 -7.43 -19.60 4.76
N GLU F 108 -7.77 -19.07 5.93
CA GLU F 108 -8.93 -19.58 6.65
C GLU F 108 -10.21 -19.50 5.81
P PO4 G . 8.87 8.91 9.64
O1 PO4 G . 7.76 9.90 9.82
O2 PO4 G . 9.70 8.86 10.89
O3 PO4 G . 8.31 7.56 9.37
O4 PO4 G . 9.72 9.33 8.51
#